data_7DSP
#
_entry.id   7DSP
#
_cell.length_a   79.164
_cell.length_b   87.002
_cell.length_c   108.433
_cell.angle_alpha   90.000
_cell.angle_beta   90.000
_cell.angle_gamma   90.000
#
_symmetry.space_group_name_H-M   'P 21 21 21'
#
loop_
_entity.id
_entity.type
_entity.pdbx_description
1 polymer 'Anthranilate phosphoribosyltransferase'
2 non-polymer 'MAGNESIUM ION'
3 water water
#
_entity_poly.entity_id   1
_entity_poly.type   'polypeptide(L)'
_entity_poly.pdbx_seq_one_letter_code
;HHHMSEATLLSYTKKLLASPPQLSSTDLHDALLVILSLLQKCDTNSDESLSIYTKVSSFLTALRVTKLDHKAEYIAEAAK
AVLRHSDLVDLPLPKKDELHPEDGPVILDIVGTGGDGQNTFNVATSAAIVASGIQGLKICKHGGKASTSNSGAGDLIGTL
GCDMFKVNSSTVPKLWPDNTFMFLLAPFFHHGMGHVSKIRKFLGIPTVFNVLGPLLHPVSHVNKRILGVYSKELAPEYAK
AAALVYPGSETFIVWGHVGLDEVSPIGKTTVWHIDPTSSELKLKTFQLEPSMFGLEEHELSKCASYGPKENARILKEEVL
SGKYHLGDNNPIYDYILMNTAVLYCLSQGHQNWKEGIIKAEESIHSGNALRSLEHFIDSVSSL
;
_entity_poly.pdbx_strand_id   B,A
#
# COMPACT_ATOMS: atom_id res chain seq x y z
N HIS A 1 -9.30 19.20 8.34
CA HIS A 1 -10.57 19.66 8.96
C HIS A 1 -11.77 19.05 8.21
N HIS A 2 -11.88 19.30 6.91
CA HIS A 2 -12.98 18.83 6.03
C HIS A 2 -13.03 17.31 5.97
N HIS A 3 -14.22 16.74 5.81
CA HIS A 3 -14.35 15.28 5.71
C HIS A 3 -13.64 14.77 4.45
N MET A 4 -13.84 15.44 3.32
CA MET A 4 -13.16 15.05 2.05
C MET A 4 -11.73 15.58 2.06
N SER A 5 -10.81 14.83 2.68
CA SER A 5 -9.45 15.35 2.93
C SER A 5 -8.44 14.21 2.97
N GLU A 6 -7.18 14.54 2.73
CA GLU A 6 -6.09 13.53 2.93
C GLU A 6 -6.14 12.96 4.36
N ALA A 7 -6.41 13.79 5.38
CA ALA A 7 -6.43 13.33 6.81
C ALA A 7 -7.48 12.22 6.97
N THR A 8 -8.65 12.36 6.38
CA THR A 8 -9.69 11.32 6.47
C THR A 8 -9.18 10.04 5.77
N LEU A 9 -8.65 10.15 4.56
CA LEU A 9 -8.15 8.97 3.83
C LEU A 9 -7.09 8.26 4.66
N LEU A 10 -6.14 9.00 5.23
CA LEU A 10 -5.06 8.43 6.09
C LEU A 10 -5.69 7.65 7.23
N SER A 11 -6.75 8.18 7.86
CA SER A 11 -7.39 7.48 9.01
C SER A 11 -7.87 6.09 8.55
N TYR A 12 -8.33 5.97 7.30
CA TYR A 12 -8.85 4.70 6.76
C TYR A 12 -7.69 3.74 6.47
N THR A 13 -6.60 4.26 5.91
CA THR A 13 -5.40 3.43 5.64
C THR A 13 -4.91 2.85 6.98
N LYS A 14 -4.86 3.66 8.03
CA LYS A 14 -4.36 3.17 9.34
C LYS A 14 -5.25 2.01 9.83
N LYS A 15 -6.55 2.05 9.58
CA LYS A 15 -7.46 0.93 9.95
C LYS A 15 -7.03 -0.35 9.22
N LEU A 16 -6.53 -0.24 8.01
CA LEU A 16 -6.13 -1.43 7.24
C LEU A 16 -4.81 -1.99 7.78
N LEU A 17 -4.04 -1.18 8.51
CA LEU A 17 -2.71 -1.60 9.02
C LEU A 17 -2.88 -2.36 10.35
N ALA A 18 -4.05 -2.29 10.95
CA ALA A 18 -4.34 -2.94 12.26
C ALA A 18 -4.40 -4.47 12.10
N SER A 19 -4.19 -5.21 13.20
CA SER A 19 -4.20 -6.70 13.20
C SER A 19 -5.25 -7.16 14.21
N PRO A 20 -6.48 -7.53 13.79
CA PRO A 20 -6.85 -7.59 12.38
C PRO A 20 -7.29 -6.21 11.88
N PRO A 21 -7.42 -6.03 10.55
CA PRO A 21 -7.82 -4.74 9.99
C PRO A 21 -9.16 -4.28 10.55
N GLN A 22 -9.32 -2.98 10.80
CA GLN A 22 -10.56 -2.42 11.42
C GLN A 22 -11.35 -1.63 10.36
N LEU A 23 -11.13 -1.86 9.09
CA LEU A 23 -11.86 -1.13 8.03
C LEU A 23 -13.14 -1.91 7.74
N SER A 24 -14.28 -1.31 8.02
CA SER A 24 -15.60 -1.93 7.70
C SER A 24 -15.96 -1.74 6.22
N SER A 25 -16.97 -2.46 5.76
CA SER A 25 -17.45 -2.30 4.35
C SER A 25 -17.95 -0.86 4.14
N THR A 26 -18.62 -0.25 5.13
CA THR A 26 -19.13 1.14 5.05
C THR A 26 -17.95 2.11 5.11
N ASP A 27 -16.90 1.78 5.87
CA ASP A 27 -15.62 2.56 5.82
C ASP A 27 -15.07 2.61 4.39
N LEU A 28 -15.02 1.47 3.69
CA LEU A 28 -14.47 1.41 2.31
C LEU A 28 -15.30 2.31 1.42
N HIS A 29 -16.63 2.29 1.58
CA HIS A 29 -17.53 3.16 0.79
C HIS A 29 -17.08 4.60 0.99
N ASP A 30 -16.96 5.00 2.25
CA ASP A 30 -16.59 6.39 2.60
C ASP A 30 -15.18 6.71 2.08
N ALA A 31 -14.25 5.80 2.24
CA ALA A 31 -12.88 6.01 1.76
C ALA A 31 -12.90 6.25 0.24
N LEU A 32 -13.75 5.54 -0.50
CA LEU A 32 -13.75 5.69 -1.97
C LEU A 32 -14.35 7.05 -2.31
N LEU A 33 -15.37 7.50 -1.57
CA LEU A 33 -15.94 8.85 -1.80
C LEU A 33 -14.82 9.87 -1.56
N VAL A 34 -14.03 9.71 -0.53
CA VAL A 34 -12.90 10.64 -0.26
C VAL A 34 -11.90 10.64 -1.41
N ILE A 35 -11.47 9.45 -1.82
CA ILE A 35 -10.49 9.27 -2.92
C ILE A 35 -11.00 9.95 -4.19
N LEU A 36 -12.26 9.73 -4.53
CA LEU A 36 -12.81 10.32 -5.79
C LEU A 36 -12.91 11.85 -5.71
N SER A 37 -13.24 12.41 -4.53
CA SER A 37 -13.21 13.86 -4.28
C SER A 37 -11.79 14.42 -4.39
N LEU A 38 -10.82 13.82 -3.67
CA LEU A 38 -9.39 14.27 -3.73
C LEU A 38 -8.89 14.25 -5.17
N LEU A 39 -9.18 13.18 -5.92
CA LEU A 39 -8.64 13.04 -7.29
C LEU A 39 -9.38 13.99 -8.22
N GLN A 40 -10.67 14.23 -8.02
CA GLN A 40 -11.44 15.16 -8.91
C GLN A 40 -10.87 16.58 -8.75
N LYS A 41 -10.56 17.00 -7.51
CA LYS A 41 -10.16 18.39 -7.16
C LYS A 41 -8.66 18.64 -7.36
N CYS A 42 -7.90 17.63 -7.79
CA CYS A 42 -6.42 17.66 -7.95
C CYS A 42 -5.94 18.86 -8.79
N ASP A 43 -5.04 19.65 -8.23
CA ASP A 43 -4.40 20.80 -8.93
C ASP A 43 -3.13 20.29 -9.62
N THR A 44 -3.10 20.21 -10.96
CA THR A 44 -2.00 19.61 -11.75
C THR A 44 -0.64 20.16 -11.29
N ASN A 45 0.34 19.27 -11.04
CA ASN A 45 1.73 19.64 -10.67
C ASN A 45 1.81 20.32 -9.30
N SER A 46 0.77 20.22 -8.49
CA SER A 46 0.85 20.72 -7.09
C SER A 46 1.53 19.68 -6.20
N ASP A 47 2.14 20.15 -5.11
CA ASP A 47 2.64 19.27 -4.02
C ASP A 47 1.49 18.42 -3.47
N GLU A 48 0.29 19.00 -3.38
CA GLU A 48 -0.94 18.29 -2.91
C GLU A 48 -1.21 17.11 -3.84
N SER A 49 -1.17 17.29 -5.16
CA SER A 49 -1.42 16.19 -6.12
C SER A 49 -0.48 15.02 -5.81
N LEU A 50 0.79 15.29 -5.51
CA LEU A 50 1.82 14.22 -5.28
C LEU A 50 1.47 13.51 -3.95
N SER A 51 1.12 14.27 -2.91
CA SER A 51 0.71 13.73 -1.60
C SER A 51 -0.56 12.87 -1.78
N ILE A 52 -1.56 13.38 -2.48
CA ILE A 52 -2.81 12.64 -2.78
C ILE A 52 -2.50 11.31 -3.47
N TYR A 53 -1.73 11.31 -4.56
CA TYR A 53 -1.38 10.04 -5.25
C TYR A 53 -0.70 9.09 -4.27
N THR A 54 0.22 9.60 -3.44
CA THR A 54 0.87 8.79 -2.37
C THR A 54 -0.19 8.15 -1.48
N LYS A 55 -1.15 8.91 -0.99
CA LYS A 55 -2.11 8.36 0.01
C LYS A 55 -3.11 7.43 -0.67
N VAL A 56 -3.50 7.73 -1.89
CA VAL A 56 -4.46 6.86 -2.61
C VAL A 56 -3.79 5.54 -2.95
N SER A 57 -2.56 5.62 -3.46
CA SER A 57 -1.76 4.40 -3.74
C SER A 57 -1.71 3.53 -2.47
N SER A 58 -1.32 4.15 -1.35
CA SER A 58 -1.17 3.51 -0.04
C SER A 58 -2.47 2.81 0.35
N PHE A 59 -3.60 3.51 0.33
CA PHE A 59 -4.90 2.94 0.71
C PHE A 59 -5.24 1.71 -0.16
N LEU A 60 -5.20 1.87 -1.48
CA LEU A 60 -5.63 0.81 -2.42
C LEU A 60 -4.68 -0.39 -2.32
N THR A 61 -3.40 -0.14 -2.07
CA THR A 61 -2.43 -1.26 -1.97
C THR A 61 -2.72 -1.99 -0.64
N ALA A 62 -2.90 -1.24 0.47
CA ALA A 62 -3.18 -1.87 1.78
C ALA A 62 -4.45 -2.70 1.64
N LEU A 63 -5.46 -2.17 0.97
CA LEU A 63 -6.75 -2.90 0.79
C LEU A 63 -6.48 -4.23 0.07
N ARG A 64 -5.75 -4.18 -1.04
CA ARG A 64 -5.47 -5.40 -1.84
C ARG A 64 -4.72 -6.43 -0.98
N VAL A 65 -3.72 -6.01 -0.20
CA VAL A 65 -2.95 -7.00 0.60
C VAL A 65 -3.88 -7.64 1.64
N THR A 66 -4.78 -6.89 2.29
CA THR A 66 -5.71 -7.46 3.32
C THR A 66 -6.70 -8.41 2.63
N LYS A 67 -6.94 -8.23 1.33
CA LYS A 67 -7.91 -8.96 0.49
C LYS A 67 -9.35 -8.65 0.91
N LEU A 68 -9.60 -7.65 1.76
CA LEU A 68 -10.97 -7.25 2.13
C LEU A 68 -11.76 -6.87 0.85
N ASP A 69 -11.07 -6.43 -0.20
CA ASP A 69 -11.72 -5.92 -1.43
C ASP A 69 -12.30 -7.07 -2.26
N HIS A 70 -12.13 -8.32 -1.83
CA HIS A 70 -12.71 -9.51 -2.49
C HIS A 70 -13.82 -10.14 -1.63
N LYS A 71 -14.26 -9.48 -0.57
CA LYS A 71 -15.43 -9.92 0.24
C LYS A 71 -16.67 -9.22 -0.30
N ALA A 72 -17.79 -9.94 -0.38
CA ALA A 72 -19.07 -9.50 -1.00
C ALA A 72 -19.48 -8.09 -0.55
N GLU A 73 -19.60 -7.85 0.76
CA GLU A 73 -20.11 -6.56 1.29
C GLU A 73 -19.18 -5.41 0.90
N TYR A 74 -17.87 -5.67 0.84
CA TYR A 74 -16.86 -4.64 0.47
C TYR A 74 -16.99 -4.35 -1.01
N ILE A 75 -17.02 -5.39 -1.84
CA ILE A 75 -17.21 -5.21 -3.31
C ILE A 75 -18.45 -4.36 -3.57
N ALA A 76 -19.56 -4.70 -2.93
CA ALA A 76 -20.86 -4.00 -3.16
C ALA A 76 -20.78 -2.54 -2.70
N GLU A 77 -20.25 -2.30 -1.50
CA GLU A 77 -20.05 -0.90 -1.02
C GLU A 77 -19.11 -0.17 -1.99
N ALA A 78 -18.09 -0.82 -2.51
CA ALA A 78 -17.15 -0.11 -3.40
C ALA A 78 -17.88 0.26 -4.70
N ALA A 79 -18.65 -0.66 -5.27
CA ALA A 79 -19.46 -0.39 -6.48
C ALA A 79 -20.39 0.78 -6.19
N LYS A 80 -21.04 0.82 -5.02
CA LYS A 80 -22.01 1.87 -4.69
C LYS A 80 -21.31 3.22 -4.56
N ALA A 81 -20.09 3.28 -3.99
CA ALA A 81 -19.34 4.57 -3.89
C ALA A 81 -19.00 5.07 -5.29
N VAL A 82 -18.45 4.22 -6.15
CA VAL A 82 -18.09 4.60 -7.54
C VAL A 82 -19.33 5.14 -8.26
N LEU A 83 -20.46 4.49 -8.11
CA LEU A 83 -21.71 4.87 -8.82
C LEU A 83 -22.21 6.24 -8.39
N ARG A 84 -21.81 6.73 -7.22
CA ARG A 84 -22.21 8.08 -6.76
C ARG A 84 -21.58 9.12 -7.71
N HIS A 85 -20.58 8.74 -8.49
CA HIS A 85 -19.93 9.64 -9.48
C HIS A 85 -20.32 9.28 -10.91
N SER A 86 -21.31 8.41 -11.09
CA SER A 86 -21.76 7.95 -12.42
C SER A 86 -23.02 8.69 -12.81
N ASP A 87 -23.28 8.72 -14.11
CA ASP A 87 -24.58 9.12 -14.70
C ASP A 87 -25.43 7.86 -14.86
N LEU A 88 -26.48 7.71 -14.06
CA LEU A 88 -27.41 6.58 -14.25
C LEU A 88 -28.45 6.94 -15.32
N VAL A 89 -29.00 5.93 -16.00
CA VAL A 89 -30.01 6.15 -17.09
C VAL A 89 -31.38 6.18 -16.40
N ASP A 90 -32.17 7.21 -16.67
CA ASP A 90 -33.59 7.27 -16.21
C ASP A 90 -34.49 6.87 -17.38
N LEU A 91 -35.26 5.80 -17.24
CA LEU A 91 -36.20 5.32 -18.29
C LEU A 91 -37.63 5.37 -17.74
N PRO A 92 -38.65 5.47 -18.61
CA PRO A 92 -40.04 5.28 -18.15
C PRO A 92 -40.25 3.87 -17.56
N LEU A 93 -41.12 3.75 -16.54
CA LEU A 93 -41.45 2.41 -15.93
C LEU A 93 -42.24 1.58 -16.96
N VAL A 106 -37.47 -9.66 -21.89
CA VAL A 106 -36.41 -9.91 -20.86
C VAL A 106 -35.15 -9.18 -21.31
N ILE A 107 -34.44 -8.50 -20.41
CA ILE A 107 -33.33 -7.60 -20.80
C ILE A 107 -32.08 -8.14 -20.12
N LEU A 108 -31.06 -8.46 -20.90
CA LEU A 108 -29.84 -9.10 -20.35
C LEU A 108 -28.58 -8.30 -20.66
N ASP A 109 -27.57 -8.56 -19.85
CA ASP A 109 -26.18 -8.07 -20.00
C ASP A 109 -25.30 -9.31 -19.97
N ILE A 110 -24.11 -9.23 -20.55
CA ILE A 110 -23.08 -10.28 -20.45
C ILE A 110 -21.76 -9.53 -20.40
N VAL A 111 -20.96 -9.81 -19.38
CA VAL A 111 -19.69 -9.09 -19.14
C VAL A 111 -18.85 -9.92 -18.18
N GLY A 112 -17.53 -9.76 -18.27
CA GLY A 112 -16.58 -10.40 -17.34
C GLY A 112 -15.77 -9.38 -16.61
N THR A 113 -15.21 -9.75 -15.47
CA THR A 113 -14.34 -8.88 -14.66
C THR A 113 -13.02 -8.59 -15.37
N GLY A 114 -12.63 -9.40 -16.36
CA GLY A 114 -11.26 -9.46 -16.89
C GLY A 114 -10.30 -9.95 -15.81
N GLY A 115 -8.99 -9.80 -16.06
CA GLY A 115 -7.92 -10.16 -15.10
C GLY A 115 -7.63 -11.66 -15.09
N ASP A 116 -8.03 -12.41 -16.12
CA ASP A 116 -7.75 -13.85 -16.29
C ASP A 116 -6.45 -14.04 -17.07
N GLY A 117 -5.88 -12.94 -17.59
CA GLY A 117 -4.60 -12.92 -18.31
C GLY A 117 -4.72 -13.66 -19.63
N GLN A 118 -5.95 -13.76 -20.15
CA GLN A 118 -6.25 -14.51 -21.39
C GLN A 118 -6.61 -13.48 -22.47
N ASN A 119 -5.82 -13.36 -23.52
CA ASN A 119 -6.15 -12.45 -24.65
C ASN A 119 -7.05 -13.20 -25.62
N THR A 120 -8.28 -13.56 -25.22
CA THR A 120 -9.24 -14.33 -26.04
C THR A 120 -10.20 -13.39 -26.79
N PHE A 121 -10.90 -13.92 -27.78
CA PHE A 121 -11.88 -13.20 -28.62
C PHE A 121 -12.97 -12.52 -27.75
N ASN A 122 -13.47 -11.37 -28.17
CA ASN A 122 -14.57 -10.64 -27.46
C ASN A 122 -15.91 -11.35 -27.67
N VAL A 123 -16.09 -12.44 -26.94
CA VAL A 123 -17.29 -13.32 -27.01
C VAL A 123 -18.48 -12.60 -26.33
N ALA A 124 -18.22 -11.78 -25.32
CA ALA A 124 -19.29 -11.06 -24.59
C ALA A 124 -20.01 -10.15 -25.58
N THR A 125 -19.31 -9.26 -26.27
CA THR A 125 -19.97 -8.35 -27.22
C THR A 125 -20.63 -9.18 -28.33
N SER A 126 -19.95 -10.21 -28.82
CA SER A 126 -20.42 -11.04 -29.96
C SER A 126 -21.70 -11.77 -29.58
N ALA A 127 -21.70 -12.48 -28.45
CA ALA A 127 -22.88 -13.22 -27.98
C ALA A 127 -24.02 -12.23 -27.68
N ALA A 128 -23.71 -11.06 -27.10
CA ALA A 128 -24.75 -10.04 -26.84
C ALA A 128 -25.45 -9.69 -28.17
N ILE A 129 -24.68 -9.50 -29.23
CA ILE A 129 -25.28 -9.17 -30.56
C ILE A 129 -26.13 -10.34 -31.05
N VAL A 130 -25.63 -11.56 -31.00
CA VAL A 130 -26.40 -12.70 -31.55
C VAL A 130 -27.67 -12.90 -30.72
N ALA A 131 -27.57 -12.82 -29.39
CA ALA A 131 -28.75 -12.99 -28.52
C ALA A 131 -29.80 -11.93 -28.86
N SER A 132 -29.37 -10.71 -29.21
CA SER A 132 -30.27 -9.56 -29.52
C SER A 132 -31.12 -9.85 -30.76
N GLY A 133 -30.70 -10.81 -31.58
CA GLY A 133 -31.45 -11.18 -32.80
C GLY A 133 -32.49 -12.23 -32.52
N ILE A 134 -32.52 -12.76 -31.29
CA ILE A 134 -33.53 -13.79 -30.87
C ILE A 134 -34.81 -13.07 -30.44
N GLN A 135 -35.94 -13.39 -31.06
CA GLN A 135 -37.21 -12.67 -30.78
C GLN A 135 -37.58 -12.85 -29.31
N GLY A 136 -37.91 -11.76 -28.62
CA GLY A 136 -38.30 -11.82 -27.20
C GLY A 136 -37.14 -11.44 -26.31
N LEU A 137 -35.92 -11.26 -26.84
CA LEU A 137 -34.77 -10.86 -26.01
C LEU A 137 -34.38 -9.41 -26.33
N LYS A 138 -34.01 -8.67 -25.30
CA LYS A 138 -33.44 -7.32 -25.46
C LYS A 138 -32.11 -7.31 -24.70
N ILE A 139 -31.06 -6.85 -25.36
CA ILE A 139 -29.69 -6.89 -24.81
C ILE A 139 -29.22 -5.45 -24.58
N CYS A 140 -28.83 -5.18 -23.34
CA CYS A 140 -28.21 -3.87 -22.99
C CYS A 140 -26.82 -4.17 -22.43
N LYS A 141 -25.84 -4.31 -23.32
CA LYS A 141 -24.49 -4.77 -22.93
C LYS A 141 -23.73 -3.55 -22.44
N HIS A 142 -23.09 -3.66 -21.29
CA HIS A 142 -22.30 -2.55 -20.72
C HIS A 142 -20.86 -3.03 -20.58
N GLY A 143 -19.87 -2.19 -20.85
CA GLY A 143 -18.46 -2.58 -20.58
C GLY A 143 -17.49 -1.71 -21.34
N GLY A 144 -16.29 -2.27 -21.61
CA GLY A 144 -15.17 -1.57 -22.27
C GLY A 144 -14.75 -0.36 -21.46
N ASP A 155 -13.96 -2.05 -27.33
CA ASP A 155 -13.54 -1.16 -28.46
C ASP A 155 -14.09 -1.72 -29.79
N LEU A 156 -14.32 -3.04 -29.89
CA LEU A 156 -14.91 -3.75 -31.06
C LEU A 156 -16.09 -2.95 -31.65
N ILE A 157 -17.07 -2.56 -30.83
CA ILE A 157 -18.29 -1.84 -31.30
C ILE A 157 -17.90 -0.47 -31.87
N GLY A 158 -16.83 0.15 -31.37
CA GLY A 158 -16.32 1.46 -31.86
C GLY A 158 -16.06 1.44 -33.35
N THR A 159 -15.43 0.36 -33.84
CA THR A 159 -14.85 0.28 -35.19
C THR A 159 -15.90 0.00 -36.27
N LEU A 160 -17.20 0.02 -35.96
CA LEU A 160 -18.25 -0.40 -36.93
C LEU A 160 -19.00 0.81 -37.50
N GLY A 161 -18.49 2.02 -37.24
CA GLY A 161 -18.97 3.25 -37.92
C GLY A 161 -20.07 3.93 -37.12
N CYS A 162 -19.99 3.85 -35.79
CA CYS A 162 -20.79 4.68 -34.85
C CYS A 162 -19.91 5.11 -33.66
N ASP A 163 -20.00 6.41 -33.36
CA ASP A 163 -19.25 7.10 -32.28
C ASP A 163 -19.91 6.74 -30.94
N MET A 164 -19.24 5.89 -30.17
CA MET A 164 -19.79 5.42 -28.87
C MET A 164 -19.85 6.56 -27.87
N PHE A 165 -19.06 7.63 -28.07
CA PHE A 165 -19.05 8.81 -27.16
C PHE A 165 -20.44 9.46 -27.18
N LYS A 166 -21.22 9.27 -28.25
CA LYS A 166 -22.61 9.79 -28.40
C LYS A 166 -23.61 9.05 -27.50
N VAL A 167 -23.27 7.86 -27.01
CA VAL A 167 -24.17 7.03 -26.16
C VAL A 167 -23.87 7.38 -24.70
N ASN A 168 -24.80 8.07 -24.04
CA ASN A 168 -24.58 8.57 -22.67
C ASN A 168 -25.89 8.56 -21.94
N SER A 169 -25.90 8.99 -20.69
CA SER A 169 -27.13 8.89 -19.88
C SER A 169 -28.26 9.68 -20.55
N SER A 170 -27.95 10.76 -21.26
CA SER A 170 -28.97 11.64 -21.89
C SER A 170 -29.51 10.96 -23.15
N THR A 171 -28.75 10.13 -23.87
CA THR A 171 -29.20 9.59 -25.19
C THR A 171 -29.70 8.15 -25.08
N VAL A 172 -29.34 7.38 -24.05
CA VAL A 172 -29.86 5.99 -23.93
C VAL A 172 -31.39 6.01 -23.95
N PRO A 173 -32.12 6.91 -23.24
CA PRO A 173 -33.59 6.91 -23.30
C PRO A 173 -34.13 6.99 -24.73
N LYS A 174 -33.48 7.78 -25.59
CA LYS A 174 -33.84 7.91 -27.03
C LYS A 174 -33.66 6.58 -27.76
N LEU A 175 -32.54 5.89 -27.51
CA LEU A 175 -32.18 4.64 -28.24
C LEU A 175 -33.05 3.48 -27.77
N TRP A 176 -33.54 3.55 -26.53
CA TRP A 176 -34.08 2.39 -25.77
C TRP A 176 -35.24 1.73 -26.47
N PRO A 177 -36.30 2.48 -26.86
CA PRO A 177 -37.54 1.85 -27.28
C PRO A 177 -37.44 0.98 -28.54
N ASP A 178 -36.58 1.31 -29.50
CA ASP A 178 -36.64 0.61 -30.80
C ASP A 178 -35.28 -0.05 -31.09
N ASN A 179 -34.53 -0.44 -30.06
CA ASN A 179 -33.28 -1.20 -30.24
C ASN A 179 -33.38 -2.50 -29.45
N THR A 180 -33.15 -3.62 -30.13
CA THR A 180 -33.05 -4.96 -29.52
C THR A 180 -31.64 -5.10 -28.93
N PHE A 181 -30.66 -4.37 -29.50
CA PHE A 181 -29.25 -4.36 -29.02
C PHE A 181 -28.85 -2.93 -28.68
N MET A 182 -28.23 -2.77 -27.53
CA MET A 182 -27.48 -1.54 -27.22
C MET A 182 -26.18 -1.95 -26.57
N PHE A 183 -25.20 -1.09 -26.75
CA PHE A 183 -23.91 -1.17 -26.06
C PHE A 183 -23.69 0.16 -25.38
N LEU A 184 -23.29 0.10 -24.13
CA LEU A 184 -23.00 1.30 -23.31
C LEU A 184 -21.52 1.22 -22.95
N LEU A 185 -20.73 2.18 -23.42
CA LEU A 185 -19.27 2.20 -23.18
C LEU A 185 -19.01 2.87 -21.83
N ALA A 186 -18.51 2.09 -20.86
CA ALA A 186 -18.47 2.43 -19.43
C ALA A 186 -17.87 3.82 -19.19
N PRO A 187 -16.75 4.22 -19.83
CA PRO A 187 -16.15 5.52 -19.56
C PRO A 187 -17.06 6.73 -19.73
N PHE A 188 -18.12 6.61 -20.53
CA PHE A 188 -19.04 7.75 -20.81
C PHE A 188 -20.13 7.81 -19.75
N PHE A 189 -20.17 6.82 -18.84
CA PHE A 189 -21.10 6.86 -17.69
C PHE A 189 -20.34 7.05 -16.37
N HIS A 190 -19.19 6.39 -16.19
CA HIS A 190 -18.56 6.24 -14.84
C HIS A 190 -17.40 7.22 -14.70
N HIS A 191 -17.76 8.48 -14.38
CA HIS A 191 -16.82 9.62 -14.23
C HIS A 191 -15.85 9.31 -13.09
N GLY A 192 -16.29 8.56 -12.07
CA GLY A 192 -15.43 8.18 -10.93
C GLY A 192 -14.34 7.22 -11.37
N MET A 193 -14.67 6.26 -12.26
CA MET A 193 -13.66 5.34 -12.88
C MET A 193 -12.65 6.16 -13.69
N GLY A 194 -13.11 7.19 -14.39
CA GLY A 194 -12.23 8.16 -15.09
C GLY A 194 -11.22 8.80 -14.15
N HIS A 195 -11.63 9.20 -12.95
CA HIS A 195 -10.73 9.91 -12.01
C HIS A 195 -9.60 8.99 -11.53
N VAL A 196 -9.81 7.66 -11.47
CA VAL A 196 -8.75 6.76 -10.94
C VAL A 196 -7.98 6.13 -12.10
N SER A 197 -8.34 6.42 -13.36
CA SER A 197 -7.70 5.75 -14.51
C SER A 197 -6.16 5.91 -14.44
N LYS A 198 -5.70 7.16 -14.27
CA LYS A 198 -4.23 7.42 -14.27
C LYS A 198 -3.54 6.67 -13.11
N ILE A 199 -3.97 6.85 -11.86
CA ILE A 199 -3.30 6.15 -10.72
C ILE A 199 -3.41 4.63 -10.90
N ARG A 200 -4.47 4.09 -11.50
CA ARG A 200 -4.57 2.62 -11.74
C ARG A 200 -3.44 2.17 -12.69
N LYS A 201 -3.15 2.96 -13.73
CA LYS A 201 -2.06 2.63 -14.67
C LYS A 201 -0.71 2.72 -13.94
N PHE A 202 -0.51 3.76 -13.14
CA PHE A 202 0.76 3.99 -12.42
C PHE A 202 0.98 2.85 -11.43
N LEU A 203 -0.08 2.40 -10.75
CA LEU A 203 0.07 1.34 -9.72
C LEU A 203 0.56 0.05 -10.36
N GLY A 204 -0.04 -0.37 -11.48
CA GLY A 204 0.35 -1.60 -12.22
C GLY A 204 -0.01 -2.89 -11.48
N ILE A 205 -0.70 -2.81 -10.35
CA ILE A 205 -1.16 -4.00 -9.58
C ILE A 205 -2.69 -3.97 -9.63
N PRO A 206 -3.35 -5.13 -9.49
CA PRO A 206 -4.81 -5.15 -9.36
C PRO A 206 -5.20 -4.46 -8.07
N THR A 207 -6.36 -3.80 -8.09
CA THR A 207 -7.02 -3.16 -6.92
C THR A 207 -8.51 -3.52 -6.95
N VAL A 208 -9.26 -3.07 -5.95
CA VAL A 208 -10.74 -3.21 -5.93
C VAL A 208 -11.31 -2.82 -7.31
N PHE A 209 -10.78 -1.80 -7.98
CA PHE A 209 -11.38 -1.27 -9.24
C PHE A 209 -11.48 -2.38 -10.31
N ASN A 210 -10.56 -3.33 -10.30
CA ASN A 210 -10.47 -4.36 -11.36
C ASN A 210 -11.68 -5.30 -11.34
N VAL A 211 -12.45 -5.35 -10.24
CA VAL A 211 -13.63 -6.27 -10.18
C VAL A 211 -14.95 -5.48 -10.18
N LEU A 212 -14.95 -4.14 -10.36
CA LEU A 212 -16.21 -3.37 -10.22
C LEU A 212 -17.01 -3.27 -11.52
N GLY A 213 -16.36 -3.30 -12.68
CA GLY A 213 -16.97 -3.04 -14.01
C GLY A 213 -18.33 -3.71 -14.16
N PRO A 214 -18.44 -5.05 -14.00
CA PRO A 214 -19.71 -5.75 -14.18
C PRO A 214 -20.87 -5.30 -13.27
N LEU A 215 -20.54 -4.62 -12.16
CA LEU A 215 -21.51 -4.18 -11.12
C LEU A 215 -21.95 -2.74 -11.36
N LEU A 216 -21.43 -2.07 -12.39
CA LEU A 216 -21.72 -0.63 -12.62
C LEU A 216 -22.74 -0.39 -13.72
N HIS A 217 -23.58 -1.38 -14.06
CA HIS A 217 -24.54 -1.16 -15.15
C HIS A 217 -25.43 0.02 -14.81
N PRO A 218 -25.51 1.05 -15.68
CA PRO A 218 -26.33 2.22 -15.37
C PRO A 218 -27.82 2.13 -15.72
N VAL A 219 -28.29 1.02 -16.28
CA VAL A 219 -29.72 0.83 -16.65
C VAL A 219 -30.33 -0.16 -15.68
N SER A 220 -31.19 0.30 -14.76
CA SER A 220 -31.77 -0.56 -13.70
C SER A 220 -32.73 -1.59 -14.33
N HIS A 221 -33.21 -1.35 -15.55
CA HIS A 221 -34.21 -2.23 -16.21
C HIS A 221 -33.62 -3.59 -16.64
N VAL A 222 -32.30 -3.75 -16.68
CA VAL A 222 -31.69 -5.06 -16.98
C VAL A 222 -32.20 -6.07 -15.95
N ASN A 223 -32.62 -7.24 -16.43
CA ASN A 223 -33.41 -8.26 -15.69
C ASN A 223 -32.50 -9.43 -15.30
N LYS A 224 -31.61 -9.80 -16.21
CA LYS A 224 -30.76 -11.01 -16.09
C LYS A 224 -29.39 -10.71 -16.68
N ARG A 225 -28.37 -11.44 -16.23
CA ARG A 225 -26.99 -11.21 -16.69
C ARG A 225 -26.10 -12.42 -16.42
N ILE A 226 -25.09 -12.54 -17.27
CA ILE A 226 -23.93 -13.44 -17.06
C ILE A 226 -22.80 -12.52 -16.65
N LEU A 227 -22.20 -12.78 -15.51
CA LEU A 227 -21.01 -12.05 -15.01
C LEU A 227 -19.87 -13.04 -14.87
N GLY A 228 -18.91 -12.95 -15.76
CA GLY A 228 -17.69 -13.79 -15.72
C GLY A 228 -16.74 -13.27 -14.67
N VAL A 229 -16.03 -14.15 -14.00
CA VAL A 229 -14.99 -13.80 -12.99
C VAL A 229 -13.72 -14.57 -13.33
N TYR A 230 -12.57 -14.01 -12.97
CA TYR A 230 -11.26 -14.56 -13.39
C TYR A 230 -10.86 -15.73 -12.50
N SER A 231 -11.43 -15.88 -11.31
CA SER A 231 -10.97 -16.95 -10.38
C SER A 231 -12.12 -17.67 -9.69
N LYS A 232 -11.92 -18.96 -9.41
CA LYS A 232 -12.85 -19.79 -8.59
C LYS A 232 -13.06 -19.18 -7.19
N GLU A 233 -11.99 -18.67 -6.58
CA GLU A 233 -11.97 -18.07 -5.22
C GLU A 233 -12.93 -16.88 -5.15
N LEU A 234 -12.86 -15.98 -6.14
CA LEU A 234 -13.73 -14.77 -6.20
C LEU A 234 -15.20 -15.14 -6.42
N ALA A 235 -15.49 -16.22 -7.18
CA ALA A 235 -16.83 -16.50 -7.73
C ALA A 235 -17.90 -16.42 -6.66
N PRO A 236 -17.81 -17.15 -5.51
CA PRO A 236 -18.93 -17.18 -4.55
C PRO A 236 -19.13 -15.82 -3.87
N GLU A 237 -18.04 -15.10 -3.55
CA GLU A 237 -18.17 -13.73 -2.99
C GLU A 237 -18.78 -12.81 -4.07
N TYR A 238 -18.38 -12.98 -5.31
CA TYR A 238 -18.89 -12.16 -6.43
C TYR A 238 -20.39 -12.41 -6.62
N ALA A 239 -20.83 -13.66 -6.43
CA ALA A 239 -22.28 -14.00 -6.51
C ALA A 239 -23.05 -13.20 -5.45
N LYS A 240 -22.53 -13.15 -4.22
CA LYS A 240 -23.20 -12.43 -3.12
C LYS A 240 -23.17 -10.93 -3.42
N ALA A 241 -22.05 -10.43 -3.95
CA ALA A 241 -21.97 -8.98 -4.26
C ALA A 241 -23.02 -8.63 -5.31
N ALA A 242 -23.14 -9.48 -6.35
CA ALA A 242 -24.03 -9.24 -7.50
C ALA A 242 -25.49 -9.24 -7.01
N ALA A 243 -25.81 -10.05 -6.01
CA ALA A 243 -27.18 -10.08 -5.45
C ALA A 243 -27.47 -8.78 -4.70
N LEU A 244 -26.43 -8.21 -4.07
CA LEU A 244 -26.58 -6.94 -3.31
C LEU A 244 -26.71 -5.78 -4.29
N VAL A 245 -25.92 -5.78 -5.34
CA VAL A 245 -25.90 -4.64 -6.31
C VAL A 245 -27.12 -4.71 -7.25
N TYR A 246 -27.52 -5.92 -7.64
CA TYR A 246 -28.64 -6.16 -8.59
C TYR A 246 -29.70 -7.02 -7.94
N PRO A 247 -30.41 -6.51 -6.90
CA PRO A 247 -31.32 -7.38 -6.14
C PRO A 247 -32.42 -8.03 -6.99
N GLY A 248 -32.93 -7.35 -8.00
CA GLY A 248 -33.97 -7.92 -8.89
C GLY A 248 -33.52 -9.07 -9.80
N SER A 249 -32.20 -9.23 -10.03
CA SER A 249 -31.68 -9.88 -11.27
C SER A 249 -31.47 -11.38 -11.07
N GLU A 250 -31.85 -12.18 -12.06
CA GLU A 250 -31.40 -13.59 -12.14
C GLU A 250 -30.03 -13.57 -12.82
N THR A 251 -29.03 -14.16 -12.19
CA THR A 251 -27.61 -13.97 -12.54
C THR A 251 -26.86 -15.30 -12.58
N PHE A 252 -26.11 -15.52 -13.64
CA PHE A 252 -25.09 -16.58 -13.72
C PHE A 252 -23.71 -15.95 -13.51
N ILE A 253 -23.02 -16.30 -12.43
CA ILE A 253 -21.55 -16.06 -12.29
C ILE A 253 -20.82 -17.24 -12.93
N VAL A 254 -19.91 -16.99 -13.86
CA VAL A 254 -19.24 -18.07 -14.65
C VAL A 254 -17.72 -17.99 -14.48
N TRP A 255 -17.09 -19.14 -14.33
CA TRP A 255 -15.61 -19.24 -14.30
C TRP A 255 -15.19 -20.48 -15.07
N GLY A 256 -14.45 -20.31 -16.17
CA GLY A 256 -13.83 -21.40 -16.95
C GLY A 256 -12.66 -22.00 -16.21
N HIS A 257 -12.65 -23.32 -16.03
CA HIS A 257 -11.67 -24.05 -15.17
C HIS A 257 -10.24 -23.81 -15.67
N VAL A 258 -10.06 -23.56 -16.96
CA VAL A 258 -8.73 -23.21 -17.55
C VAL A 258 -8.25 -21.88 -17.00
N GLY A 259 -9.09 -21.11 -16.29
CA GLY A 259 -8.75 -19.76 -15.84
C GLY A 259 -9.24 -18.71 -16.82
N LEU A 260 -10.56 -18.51 -16.87
CA LEU A 260 -11.24 -17.71 -17.92
C LEU A 260 -12.54 -17.12 -17.34
N ASP A 261 -12.78 -15.83 -17.59
CA ASP A 261 -13.97 -15.12 -17.06
C ASP A 261 -15.10 -15.26 -18.08
N GLU A 262 -15.22 -16.43 -18.71
CA GLU A 262 -16.16 -16.73 -19.81
C GLU A 262 -16.59 -18.20 -19.68
N VAL A 263 -17.64 -18.59 -20.39
CA VAL A 263 -17.93 -20.02 -20.65
C VAL A 263 -16.88 -20.52 -21.66
N SER A 264 -16.01 -21.42 -21.20
CA SER A 264 -14.76 -21.81 -21.87
C SER A 264 -15.07 -22.74 -23.04
N PRO A 265 -14.42 -22.54 -24.20
CA PRO A 265 -14.55 -23.47 -25.32
C PRO A 265 -13.69 -24.73 -25.13
N ILE A 266 -12.90 -24.79 -24.05
CA ILE A 266 -12.12 -26.00 -23.66
C ILE A 266 -12.33 -26.29 -22.17
N GLY A 267 -12.57 -27.56 -21.85
CA GLY A 267 -12.78 -28.04 -20.47
C GLY A 267 -14.07 -27.49 -19.90
N LYS A 268 -14.16 -27.50 -18.58
CA LYS A 268 -15.45 -27.23 -17.89
C LYS A 268 -15.49 -25.76 -17.46
N THR A 269 -16.70 -25.28 -17.26
CA THR A 269 -17.02 -23.97 -16.65
C THR A 269 -17.92 -24.22 -15.46
N THR A 270 -17.66 -23.58 -14.33
CA THR A 270 -18.64 -23.61 -13.22
C THR A 270 -19.55 -22.39 -13.35
N VAL A 271 -20.83 -22.59 -13.08
CA VAL A 271 -21.84 -21.51 -13.00
C VAL A 271 -22.35 -21.45 -11.57
N TRP A 272 -22.33 -20.27 -10.96
CA TRP A 272 -23.03 -19.98 -9.69
C TRP A 272 -24.32 -19.29 -10.08
N HIS A 273 -25.44 -19.83 -9.65
CA HIS A 273 -26.79 -19.38 -10.13
C HIS A 273 -27.48 -18.59 -9.02
N ILE A 274 -27.58 -17.28 -9.21
CA ILE A 274 -28.40 -16.40 -8.32
C ILE A 274 -29.81 -16.47 -8.87
N ASP A 275 -30.68 -17.23 -8.20
CA ASP A 275 -32.11 -17.34 -8.58
C ASP A 275 -32.96 -16.73 -7.47
N PRO A 276 -33.32 -15.42 -7.55
CA PRO A 276 -34.09 -14.79 -6.48
C PRO A 276 -35.58 -15.21 -6.41
N THR A 277 -36.04 -16.07 -7.34
CA THR A 277 -37.36 -16.74 -7.32
C THR A 277 -37.27 -17.91 -6.34
N SER A 278 -36.15 -18.65 -6.39
CA SER A 278 -35.85 -19.85 -5.54
C SER A 278 -35.54 -19.42 -4.10
N LEU A 283 -27.16 -21.50 -2.58
CA LEU A 283 -26.41 -21.03 -3.79
C LEU A 283 -26.21 -22.22 -4.75
N LYS A 284 -27.05 -22.34 -5.79
CA LYS A 284 -27.00 -23.45 -6.78
C LYS A 284 -25.77 -23.26 -7.68
N THR A 285 -25.05 -24.34 -7.95
CA THR A 285 -23.91 -24.34 -8.91
C THR A 285 -24.03 -25.56 -9.82
N PHE A 286 -23.67 -25.40 -11.09
CA PHE A 286 -23.65 -26.51 -12.06
C PHE A 286 -22.43 -26.32 -12.97
N GLN A 287 -22.13 -27.36 -13.73
CA GLN A 287 -20.94 -27.43 -14.59
C GLN A 287 -21.36 -27.46 -16.05
N LEU A 288 -20.67 -26.69 -16.90
CA LEU A 288 -20.88 -26.72 -18.35
C LEU A 288 -19.63 -27.28 -19.03
N GLU A 289 -19.83 -27.94 -20.17
CA GLU A 289 -18.73 -28.27 -21.10
C GLU A 289 -19.28 -28.23 -22.52
N PRO A 290 -18.42 -27.99 -23.53
CA PRO A 290 -18.88 -27.84 -24.90
C PRO A 290 -19.74 -29.04 -25.38
N SER A 291 -19.48 -30.26 -24.91
CA SER A 291 -20.21 -31.46 -25.37
C SER A 291 -21.71 -31.31 -25.08
N MET A 292 -22.08 -30.62 -23.99
CA MET A 292 -23.48 -30.36 -23.61
C MET A 292 -24.19 -29.45 -24.63
N PHE A 293 -23.46 -28.77 -25.51
CA PHE A 293 -24.03 -27.88 -26.56
C PHE A 293 -23.94 -28.56 -27.93
N GLY A 294 -23.40 -29.78 -28.00
CA GLY A 294 -23.15 -30.48 -29.26
C GLY A 294 -21.96 -29.90 -29.99
N LEU A 295 -20.98 -29.35 -29.26
CA LEU A 295 -19.78 -28.72 -29.89
C LEU A 295 -18.52 -29.49 -29.50
N GLU A 296 -17.54 -29.50 -30.41
CA GLU A 296 -16.16 -29.95 -30.08
C GLU A 296 -15.50 -28.90 -29.20
N GLU A 297 -14.52 -29.32 -28.40
CA GLU A 297 -13.67 -28.40 -27.59
C GLU A 297 -12.67 -27.70 -28.52
N HIS A 298 -12.34 -26.46 -28.19
CA HIS A 298 -11.33 -25.69 -28.95
C HIS A 298 -10.35 -25.10 -27.94
N GLU A 299 -9.06 -25.22 -28.23
CA GLU A 299 -7.99 -24.59 -27.42
C GLU A 299 -8.19 -23.06 -27.47
N LEU A 300 -7.89 -22.38 -26.37
CA LEU A 300 -7.96 -20.89 -26.31
C LEU A 300 -7.12 -20.27 -27.42
N SER A 301 -6.04 -20.95 -27.86
CA SER A 301 -5.11 -20.47 -28.91
C SER A 301 -5.83 -20.36 -30.27
N LYS A 302 -6.97 -21.02 -30.44
CA LYS A 302 -7.80 -20.94 -31.66
C LYS A 302 -8.93 -19.93 -31.49
N CYS A 303 -9.01 -19.27 -30.34
CA CYS A 303 -10.09 -18.30 -29.99
C CYS A 303 -9.45 -16.99 -29.55
N ALA A 304 -8.29 -16.65 -30.11
CA ALA A 304 -7.52 -15.46 -29.73
C ALA A 304 -8.27 -14.21 -30.21
N SER A 305 -8.04 -13.10 -29.53
CA SER A 305 -8.35 -11.72 -29.99
C SER A 305 -7.33 -11.35 -31.07
N TYR A 306 -7.80 -10.97 -32.25
CA TYR A 306 -6.91 -10.53 -33.36
C TYR A 306 -6.81 -9.00 -33.38
N GLY A 307 -7.22 -8.31 -32.30
CA GLY A 307 -7.36 -6.84 -32.19
C GLY A 307 -8.79 -6.37 -32.49
N PRO A 308 -9.28 -5.22 -31.96
CA PRO A 308 -10.67 -4.77 -32.14
C PRO A 308 -11.15 -4.52 -33.58
N LYS A 309 -10.30 -3.96 -34.45
CA LYS A 309 -10.66 -3.77 -35.87
C LYS A 309 -10.86 -5.14 -36.51
N GLU A 310 -9.88 -6.02 -36.32
CA GLU A 310 -9.85 -7.36 -36.93
C GLU A 310 -10.93 -8.28 -36.32
N ASN A 311 -11.19 -8.17 -35.02
CA ASN A 311 -12.30 -8.89 -34.33
C ASN A 311 -13.63 -8.48 -34.97
N ALA A 312 -13.83 -7.18 -35.20
CA ALA A 312 -15.06 -6.61 -35.80
C ALA A 312 -15.28 -7.23 -37.20
N ARG A 313 -14.21 -7.31 -37.98
CA ARG A 313 -14.21 -7.91 -39.33
C ARG A 313 -14.57 -9.41 -39.23
N ILE A 314 -13.92 -10.16 -38.34
CA ILE A 314 -14.24 -11.61 -38.14
C ILE A 314 -15.73 -11.69 -37.77
N LEU A 315 -16.16 -10.91 -36.77
CA LEU A 315 -17.55 -11.03 -36.27
C LEU A 315 -18.51 -10.69 -37.41
N LYS A 316 -18.24 -9.60 -38.11
CA LYS A 316 -19.12 -9.13 -39.19
C LYS A 316 -19.02 -10.07 -40.40
N GLU A 317 -17.82 -10.51 -40.79
CA GLU A 317 -17.66 -11.21 -42.11
C GLU A 317 -17.72 -12.73 -41.94
N GLU A 318 -17.18 -13.30 -40.86
CA GLU A 318 -17.21 -14.77 -40.65
C GLU A 318 -18.51 -15.19 -39.93
N VAL A 319 -19.04 -14.37 -39.02
CA VAL A 319 -20.11 -14.86 -38.09
C VAL A 319 -21.49 -14.30 -38.48
N LEU A 320 -21.68 -12.99 -38.39
CA LEU A 320 -23.01 -12.35 -38.58
C LEU A 320 -23.44 -12.48 -40.05
N SER A 321 -22.50 -12.70 -40.97
CA SER A 321 -22.78 -12.91 -42.43
C SER A 321 -23.36 -14.29 -42.65
N GLY A 322 -23.24 -15.18 -41.67
CA GLY A 322 -23.65 -16.59 -41.82
C GLY A 322 -22.69 -17.40 -42.68
N LYS A 323 -21.45 -16.96 -42.84
CA LYS A 323 -20.41 -17.66 -43.67
C LYS A 323 -20.17 -19.05 -43.09
N TYR A 324 -20.09 -19.13 -41.77
CA TYR A 324 -19.85 -20.38 -41.05
C TYR A 324 -21.18 -20.82 -40.44
N HIS A 325 -21.31 -22.11 -40.14
CA HIS A 325 -22.53 -22.78 -39.63
C HIS A 325 -22.16 -23.65 -38.44
N LEU A 326 -23.17 -24.01 -37.67
CA LEU A 326 -23.07 -25.07 -36.64
C LEU A 326 -22.69 -26.38 -37.34
N GLY A 327 -21.58 -27.01 -36.93
CA GLY A 327 -21.10 -28.27 -37.53
C GLY A 327 -19.82 -28.05 -38.31
N ASP A 328 -19.48 -26.80 -38.62
CA ASP A 328 -18.21 -26.48 -39.31
C ASP A 328 -17.02 -26.49 -38.34
N ASN A 329 -17.29 -26.59 -37.04
CA ASN A 329 -16.27 -26.57 -35.95
C ASN A 329 -15.34 -25.38 -36.13
N ASN A 330 -15.83 -24.22 -36.62
CA ASN A 330 -15.02 -22.96 -36.64
C ASN A 330 -14.89 -22.55 -35.17
N PRO A 331 -13.69 -22.50 -34.56
CA PRO A 331 -13.59 -22.25 -33.11
C PRO A 331 -14.24 -20.95 -32.61
N ILE A 332 -13.92 -19.80 -33.19
CA ILE A 332 -14.49 -18.51 -32.71
C ILE A 332 -16.02 -18.55 -32.91
N TYR A 333 -16.51 -19.13 -33.99
CA TYR A 333 -17.96 -19.26 -34.26
C TYR A 333 -18.64 -20.09 -33.16
N ASP A 334 -18.02 -21.20 -32.79
CA ASP A 334 -18.63 -22.13 -31.80
C ASP A 334 -18.62 -21.41 -30.43
N TYR A 335 -17.52 -20.74 -30.11
CA TYR A 335 -17.26 -19.97 -28.85
C TYR A 335 -18.42 -18.98 -28.68
N ILE A 336 -18.67 -18.19 -29.72
CA ILE A 336 -19.80 -17.22 -29.76
C ILE A 336 -21.14 -17.95 -29.58
N LEU A 337 -21.38 -19.01 -30.35
CA LEU A 337 -22.65 -19.76 -30.37
C LEU A 337 -22.96 -20.33 -28.97
N MET A 338 -21.95 -20.89 -28.30
CA MET A 338 -22.13 -21.50 -26.94
C MET A 338 -22.51 -20.39 -25.95
N ASN A 339 -21.73 -19.29 -25.90
CA ASN A 339 -22.01 -18.19 -24.95
C ASN A 339 -23.41 -17.63 -25.23
N THR A 340 -23.81 -17.48 -26.50
CA THR A 340 -25.18 -17.02 -26.86
C THR A 340 -26.23 -18.00 -26.29
N ALA A 341 -25.97 -19.29 -26.42
CA ALA A 341 -26.92 -20.35 -25.99
C ALA A 341 -27.11 -20.25 -24.47
N VAL A 342 -26.05 -19.89 -23.74
CA VAL A 342 -26.15 -19.78 -22.25
C VAL A 342 -27.02 -18.56 -21.94
N LEU A 343 -26.81 -17.45 -22.65
CA LEU A 343 -27.63 -16.23 -22.45
C LEU A 343 -29.08 -16.58 -22.72
N TYR A 344 -29.35 -17.31 -23.80
CA TYR A 344 -30.73 -17.67 -24.17
C TYR A 344 -31.41 -18.50 -23.09
N CYS A 345 -30.77 -19.55 -22.62
CA CYS A 345 -31.33 -20.45 -21.58
C CYS A 345 -31.55 -19.66 -20.28
N LEU A 346 -30.58 -18.82 -19.89
CA LEU A 346 -30.77 -17.90 -18.75
C LEU A 346 -32.06 -17.10 -18.97
N SER A 347 -32.29 -16.58 -20.17
CA SER A 347 -33.42 -15.68 -20.46
C SER A 347 -34.75 -16.42 -20.26
N GLN A 348 -34.78 -17.71 -20.57
CA GLN A 348 -36.03 -18.50 -20.64
C GLN A 348 -36.25 -19.29 -19.36
N GLY A 349 -35.31 -19.30 -18.41
CA GLY A 349 -35.45 -20.09 -17.17
C GLY A 349 -35.32 -21.59 -17.38
N HIS A 350 -34.47 -22.07 -18.31
CA HIS A 350 -34.22 -23.51 -18.47
C HIS A 350 -32.74 -23.78 -18.75
N GLN A 351 -32.37 -25.05 -18.81
CA GLN A 351 -30.98 -25.47 -19.11
C GLN A 351 -30.97 -26.37 -20.35
N ASN A 352 -31.86 -26.13 -21.30
CA ASN A 352 -31.86 -26.83 -22.61
C ASN A 352 -30.83 -26.15 -23.52
N TRP A 353 -29.55 -26.47 -23.30
CA TRP A 353 -28.41 -25.77 -23.92
C TRP A 353 -28.47 -25.96 -25.43
N LYS A 354 -28.91 -27.13 -25.90
CA LYS A 354 -28.96 -27.43 -27.36
C LYS A 354 -30.05 -26.61 -28.02
N GLU A 355 -31.13 -26.29 -27.30
CA GLU A 355 -32.20 -25.40 -27.84
C GLU A 355 -31.64 -23.96 -27.94
N GLY A 356 -30.88 -23.54 -26.93
CA GLY A 356 -30.16 -22.26 -27.00
C GLY A 356 -29.27 -22.21 -28.23
N ILE A 357 -28.63 -23.33 -28.59
CA ILE A 357 -27.74 -23.37 -29.78
C ILE A 357 -28.58 -23.19 -31.05
N ILE A 358 -29.71 -23.90 -31.15
CA ILE A 358 -30.67 -23.76 -32.28
C ILE A 358 -31.09 -22.29 -32.38
N LYS A 359 -31.40 -21.65 -31.25
CA LYS A 359 -31.90 -20.26 -31.31
C LYS A 359 -30.78 -19.31 -31.74
N ALA A 360 -29.57 -19.52 -31.26
CA ALA A 360 -28.37 -18.73 -31.61
C ALA A 360 -28.08 -18.93 -33.10
N GLU A 361 -28.16 -20.17 -33.58
CA GLU A 361 -27.90 -20.52 -35.01
C GLU A 361 -28.91 -19.76 -35.87
N GLU A 362 -30.19 -19.76 -35.49
CA GLU A 362 -31.24 -19.08 -36.29
C GLU A 362 -31.02 -17.56 -36.30
N SER A 363 -30.63 -16.97 -35.17
CA SER A 363 -30.41 -15.51 -35.08
C SER A 363 -29.38 -15.10 -36.13
N ILE A 364 -28.30 -15.88 -36.25
CA ILE A 364 -27.24 -15.66 -37.25
C ILE A 364 -27.81 -15.82 -38.68
N HIS A 365 -28.38 -16.98 -38.99
CA HIS A 365 -28.65 -17.44 -40.37
C HIS A 365 -29.92 -16.78 -40.96
N SER A 366 -30.86 -16.32 -40.11
CA SER A 366 -31.98 -15.44 -40.52
C SER A 366 -31.49 -14.03 -40.92
N GLY A 367 -30.27 -13.64 -40.54
CA GLY A 367 -29.88 -12.22 -40.65
C GLY A 367 -30.36 -11.33 -39.50
N ASN A 368 -31.10 -11.87 -38.51
CA ASN A 368 -31.67 -11.07 -37.38
C ASN A 368 -30.54 -10.45 -36.55
N ALA A 369 -29.50 -11.22 -36.24
CA ALA A 369 -28.37 -10.74 -35.41
C ALA A 369 -27.75 -9.52 -36.10
N LEU A 370 -27.40 -9.64 -37.38
CA LEU A 370 -26.75 -8.52 -38.12
C LEU A 370 -27.69 -7.32 -38.12
N ARG A 371 -28.98 -7.56 -38.42
CA ARG A 371 -29.95 -6.46 -38.50
C ARG A 371 -30.03 -5.75 -37.14
N SER A 372 -30.03 -6.50 -36.04
CA SER A 372 -30.14 -5.90 -34.69
C SER A 372 -28.96 -4.94 -34.48
N LEU A 373 -27.75 -5.42 -34.80
CA LEU A 373 -26.50 -4.62 -34.72
C LEU A 373 -26.60 -3.35 -35.60
N GLU A 374 -26.98 -3.51 -36.88
CA GLU A 374 -26.96 -2.40 -37.84
C GLU A 374 -28.01 -1.37 -37.39
N HIS A 375 -29.10 -1.82 -36.77
CA HIS A 375 -30.18 -0.91 -36.30
C HIS A 375 -29.61 -0.02 -35.20
N PHE A 376 -28.84 -0.61 -34.27
CA PHE A 376 -28.21 0.16 -33.17
C PHE A 376 -27.17 1.14 -33.74
N ILE A 377 -26.30 0.69 -34.64
CA ILE A 377 -25.30 1.55 -35.32
C ILE A 377 -25.99 2.74 -36.01
N ASP A 378 -27.07 2.48 -36.76
CA ASP A 378 -27.86 3.54 -37.45
C ASP A 378 -28.51 4.47 -36.42
N SER A 379 -29.06 3.95 -35.32
CA SER A 379 -29.67 4.80 -34.25
C SER A 379 -28.61 5.74 -33.69
N VAL A 380 -27.41 5.22 -33.40
CA VAL A 380 -26.33 6.01 -32.78
C VAL A 380 -25.88 7.10 -33.76
N SER A 381 -25.74 6.75 -35.04
CA SER A 381 -25.32 7.68 -36.11
C SER A 381 -26.27 8.88 -36.18
N SER A 382 -27.57 8.65 -36.01
CA SER A 382 -28.62 9.68 -36.10
C SER A 382 -28.59 10.66 -34.93
N LEU A 383 -27.80 10.39 -33.89
CA LEU A 383 -27.67 11.29 -32.70
C LEU A 383 -26.89 12.54 -33.10
N HIS B 2 18.35 -1.36 -18.19
CA HIS B 2 18.25 -0.52 -16.94
C HIS B 2 17.43 -1.26 -15.88
N HIS B 3 18.13 -1.86 -14.92
CA HIS B 3 17.53 -2.63 -13.79
C HIS B 3 16.81 -1.68 -12.82
N MET B 4 17.29 -0.45 -12.66
CA MET B 4 16.82 0.51 -11.63
C MET B 4 15.56 1.25 -12.15
N SER B 5 14.47 0.54 -12.39
CA SER B 5 13.31 1.11 -13.13
C SER B 5 12.01 0.92 -12.32
N GLU B 6 10.96 1.61 -12.73
CA GLU B 6 9.60 1.37 -12.17
C GLU B 6 9.20 -0.09 -12.36
N ALA B 7 9.56 -0.68 -13.51
CA ALA B 7 9.21 -2.08 -13.85
C ALA B 7 9.81 -3.02 -12.79
N THR B 8 11.07 -2.83 -12.44
CA THR B 8 11.75 -3.67 -11.42
C THR B 8 11.07 -3.47 -10.07
N LEU B 9 10.85 -2.23 -9.66
CA LEU B 9 10.17 -1.98 -8.37
C LEU B 9 8.83 -2.70 -8.38
N LEU B 10 8.03 -2.55 -9.45
CA LEU B 10 6.69 -3.18 -9.52
C LEU B 10 6.82 -4.70 -9.31
N SER B 11 7.86 -5.33 -9.84
CA SER B 11 8.05 -6.81 -9.72
C SER B 11 8.26 -7.14 -8.24
N TYR B 12 8.94 -6.27 -7.48
CA TYR B 12 9.13 -6.46 -6.03
C TYR B 12 7.79 -6.33 -5.31
N THR B 13 6.99 -5.32 -5.65
CA THR B 13 5.67 -5.13 -5.00
C THR B 13 4.79 -6.36 -5.27
N LYS B 14 4.77 -6.87 -6.51
CA LYS B 14 3.95 -8.06 -6.82
C LYS B 14 4.34 -9.24 -5.91
N LYS B 15 5.61 -9.38 -5.55
CA LYS B 15 6.06 -10.44 -4.61
C LYS B 15 5.38 -10.25 -3.25
N LEU B 16 5.18 -9.01 -2.81
CA LEU B 16 4.54 -8.76 -1.50
C LEU B 16 3.04 -9.10 -1.56
N LEU B 17 2.45 -9.09 -2.75
CA LEU B 17 0.98 -9.30 -2.93
C LEU B 17 0.68 -10.80 -3.05
N ALA B 18 1.71 -11.64 -3.12
CA ALA B 18 1.55 -13.09 -3.29
C ALA B 18 1.15 -13.69 -1.94
N SER B 19 0.37 -14.78 -1.97
CA SER B 19 -0.03 -15.57 -0.77
C SER B 19 0.70 -16.91 -0.77
N PRO B 20 1.70 -17.13 0.10
CA PRO B 20 2.26 -16.10 0.97
C PRO B 20 3.29 -15.26 0.21
N PRO B 21 3.76 -14.13 0.81
CA PRO B 21 4.65 -13.20 0.13
C PRO B 21 5.94 -13.88 -0.34
N GLN B 22 6.52 -13.42 -1.43
CA GLN B 22 7.72 -14.05 -2.03
C GLN B 22 8.88 -13.06 -1.98
N LEU B 23 8.79 -12.01 -1.16
CA LEU B 23 9.87 -11.01 -1.06
C LEU B 23 10.83 -11.47 0.04
N SER B 24 12.07 -11.79 -0.34
CA SER B 24 13.15 -12.20 0.59
C SER B 24 13.75 -10.94 1.23
N SER B 25 14.54 -11.10 2.28
CA SER B 25 15.26 -9.98 2.92
C SER B 25 16.22 -9.33 1.92
N THR B 26 16.89 -10.11 1.05
CA THR B 26 17.83 -9.55 0.03
C THR B 26 17.03 -8.87 -1.09
N ASP B 27 15.85 -9.36 -1.42
CA ASP B 27 14.93 -8.67 -2.37
C ASP B 27 14.58 -7.28 -1.82
N LEU B 28 14.35 -7.15 -0.51
CA LEU B 28 14.01 -5.82 0.08
C LEU B 28 15.20 -4.88 -0.07
N HIS B 29 16.41 -5.39 0.21
CA HIS B 29 17.66 -4.61 -0.01
C HIS B 29 17.66 -4.08 -1.45
N ASP B 30 17.48 -4.96 -2.43
CA ASP B 30 17.52 -4.58 -3.87
C ASP B 30 16.38 -3.60 -4.17
N ALA B 31 15.17 -3.83 -3.67
CA ALA B 31 14.02 -2.92 -3.86
C ALA B 31 14.37 -1.53 -3.34
N LEU B 32 15.01 -1.44 -2.17
CA LEU B 32 15.29 -0.11 -1.59
C LEU B 32 16.36 0.60 -2.43
N LEU B 33 17.31 -0.12 -3.01
CA LEU B 33 18.29 0.53 -3.91
C LEU B 33 17.53 1.11 -5.10
N VAL B 34 16.59 0.36 -5.66
CA VAL B 34 15.79 0.84 -6.81
C VAL B 34 15.02 2.09 -6.39
N ILE B 35 14.38 2.05 -5.23
CA ILE B 35 13.57 3.18 -4.70
C ILE B 35 14.43 4.42 -4.53
N LEU B 36 15.63 4.30 -3.96
CA LEU B 36 16.53 5.47 -3.76
C LEU B 36 17.02 6.04 -5.10
N SER B 37 17.29 5.22 -6.11
CA SER B 37 17.59 5.64 -7.50
C SER B 37 16.38 6.40 -8.10
N LEU B 38 15.18 5.82 -8.06
CA LEU B 38 13.98 6.45 -8.66
C LEU B 38 13.67 7.76 -7.96
N LEU B 39 13.69 7.83 -6.62
CA LEU B 39 13.33 9.07 -5.88
C LEU B 39 14.27 10.22 -6.20
N GLN B 40 15.52 9.97 -6.56
CA GLN B 40 16.45 11.07 -6.94
C GLN B 40 16.03 11.76 -8.23
N LYS B 41 15.26 11.08 -9.08
CA LYS B 41 14.79 11.66 -10.38
C LYS B 41 13.56 12.54 -10.16
N CYS B 42 12.98 12.53 -8.95
CA CYS B 42 11.67 13.19 -8.70
C CYS B 42 11.87 14.61 -8.16
N ASP B 43 12.46 15.51 -8.97
CA ASP B 43 12.72 16.89 -8.53
C ASP B 43 11.52 17.79 -8.84
N THR B 44 10.52 17.34 -9.61
CA THR B 44 9.31 18.14 -9.89
C THR B 44 8.06 17.30 -9.64
N ASN B 45 6.91 17.95 -9.72
CA ASN B 45 5.57 17.31 -9.64
C ASN B 45 5.09 16.91 -11.03
N SER B 46 6.00 16.44 -11.88
CA SER B 46 5.68 15.86 -13.22
C SER B 46 4.85 14.57 -13.05
N ASP B 47 4.26 14.08 -14.14
CA ASP B 47 3.49 12.81 -14.15
C ASP B 47 4.44 11.64 -13.92
N GLU B 48 5.69 11.73 -14.39
CA GLU B 48 6.73 10.72 -14.05
C GLU B 48 6.91 10.62 -12.52
N SER B 49 7.00 11.74 -11.81
CA SER B 49 7.06 11.78 -10.31
C SER B 49 5.81 11.17 -9.66
N LEU B 50 4.62 11.51 -10.14
CA LEU B 50 3.35 10.90 -9.66
C LEU B 50 3.48 9.39 -9.78
N SER B 51 3.92 8.90 -10.94
CA SER B 51 4.00 7.45 -11.21
C SER B 51 5.01 6.80 -10.24
N ILE B 52 6.20 7.40 -10.10
CA ILE B 52 7.25 6.86 -9.16
C ILE B 52 6.74 6.88 -7.72
N TYR B 53 6.17 8.00 -7.26
CA TYR B 53 5.62 8.12 -5.89
C TYR B 53 4.54 7.06 -5.70
N THR B 54 3.67 6.86 -6.70
CA THR B 54 2.60 5.85 -6.60
C THR B 54 3.25 4.49 -6.35
N LYS B 55 4.28 4.13 -7.12
CA LYS B 55 4.87 2.77 -6.99
C LYS B 55 5.66 2.65 -5.68
N VAL B 56 6.36 3.69 -5.27
CA VAL B 56 7.13 3.63 -3.99
C VAL B 56 6.16 3.54 -2.81
N SER B 57 5.11 4.35 -2.80
CA SER B 57 4.02 4.26 -1.79
C SER B 57 3.49 2.83 -1.71
N SER B 58 3.12 2.28 -2.87
CA SER B 58 2.54 0.93 -3.00
C SER B 58 3.48 -0.08 -2.35
N PHE B 59 4.76 -0.06 -2.70
CA PHE B 59 5.75 -1.04 -2.19
C PHE B 59 5.90 -0.88 -0.67
N LEU B 60 6.11 0.34 -0.16
CA LEU B 60 6.34 0.53 1.30
C LEU B 60 5.08 0.17 2.08
N THR B 61 3.89 0.48 1.56
CA THR B 61 2.63 0.14 2.27
C THR B 61 2.44 -1.39 2.31
N ALA B 62 2.58 -2.08 1.17
CA ALA B 62 2.49 -3.57 1.12
C ALA B 62 3.48 -4.18 2.13
N LEU B 63 4.71 -3.67 2.21
CA LEU B 63 5.73 -4.18 3.16
C LEU B 63 5.18 -4.10 4.61
N ARG B 64 4.64 -2.93 4.97
CA ARG B 64 4.07 -2.66 6.32
C ARG B 64 2.91 -3.63 6.58
N VAL B 65 2.00 -3.80 5.63
CA VAL B 65 0.82 -4.69 5.85
C VAL B 65 1.31 -6.14 6.03
N THR B 66 2.28 -6.62 5.24
CA THR B 66 2.86 -7.99 5.43
C THR B 66 3.62 -8.06 6.76
N LYS B 67 4.06 -6.93 7.31
CA LYS B 67 4.83 -6.82 8.58
C LYS B 67 6.23 -7.46 8.42
N LEU B 68 6.65 -7.74 7.20
CA LEU B 68 8.04 -8.24 6.99
C LEU B 68 9.02 -7.14 7.45
N ASP B 69 8.63 -5.86 7.45
CA ASP B 69 9.53 -4.74 7.80
C ASP B 69 9.79 -4.71 9.31
N HIS B 70 9.11 -5.57 10.07
CA HIS B 70 9.38 -5.74 11.53
C HIS B 70 10.12 -7.05 11.81
N LYS B 71 10.69 -7.69 10.79
CA LYS B 71 11.51 -8.92 10.92
C LYS B 71 13.01 -8.54 10.88
N ALA B 72 13.78 -9.05 11.83
CA ALA B 72 15.22 -8.74 12.04
C ALA B 72 16.01 -8.73 10.72
N GLU B 73 15.90 -9.79 9.92
CA GLU B 73 16.70 -9.96 8.68
C GLU B 73 16.33 -8.88 7.66
N TYR B 74 15.06 -8.50 7.60
CA TYR B 74 14.59 -7.47 6.65
C TYR B 74 15.07 -6.11 7.10
N ILE B 75 14.93 -5.83 8.40
CA ILE B 75 15.42 -4.55 8.99
C ILE B 75 16.91 -4.41 8.67
N ALA B 76 17.73 -5.44 8.94
CA ALA B 76 19.18 -5.42 8.68
C ALA B 76 19.46 -5.14 7.19
N GLU B 77 18.77 -5.84 6.28
CA GLU B 77 18.98 -5.66 4.82
C GLU B 77 18.59 -4.22 4.43
N ALA B 78 17.54 -3.68 5.05
CA ALA B 78 17.09 -2.31 4.74
C ALA B 78 18.17 -1.29 5.16
N ALA B 79 18.70 -1.44 6.37
CA ALA B 79 19.79 -0.56 6.88
C ALA B 79 20.97 -0.64 5.90
N LYS B 80 21.36 -1.85 5.49
CA LYS B 80 22.51 -2.06 4.59
C LYS B 80 22.26 -1.29 3.28
N ALA B 81 21.06 -1.36 2.74
CA ALA B 81 20.73 -0.67 1.45
C ALA B 81 20.87 0.83 1.61
N VAL B 82 20.27 1.36 2.65
CA VAL B 82 20.33 2.82 2.89
C VAL B 82 21.79 3.24 3.05
N LEU B 83 22.58 2.47 3.77
CA LEU B 83 24.01 2.81 4.02
C LEU B 83 24.82 2.87 2.73
N ARG B 84 24.38 2.23 1.63
CA ARG B 84 25.08 2.32 0.33
C ARG B 84 25.06 3.78 -0.17
N HIS B 85 24.20 4.64 0.40
CA HIS B 85 24.03 6.05 -0.04
C HIS B 85 24.62 7.01 1.01
N SER B 86 25.33 6.47 1.99
CA SER B 86 25.85 7.23 3.15
C SER B 86 27.35 7.52 2.97
N ASP B 87 27.83 8.56 3.66
CA ASP B 87 29.26 8.78 4.01
C ASP B 87 29.56 7.91 5.24
N LEU B 88 30.61 7.08 5.16
CA LEU B 88 31.10 6.25 6.30
C LEU B 88 32.41 6.86 6.82
N VAL B 89 32.59 6.82 8.12
CA VAL B 89 33.82 7.32 8.79
C VAL B 89 34.86 6.21 8.77
N ASP B 90 36.07 6.55 8.32
CA ASP B 90 37.26 5.66 8.36
C ASP B 90 38.13 6.02 9.57
N LEU B 91 38.29 5.10 10.54
CA LEU B 91 39.19 5.28 11.72
C LEU B 91 40.28 4.20 11.72
N PRO B 92 41.53 4.49 12.16
CA PRO B 92 42.55 3.45 12.37
C PRO B 92 42.08 2.21 13.14
N PRO B 105 38.67 0.07 25.24
CA PRO B 105 37.92 1.31 25.50
C PRO B 105 36.42 1.19 25.20
N VAL B 106 35.54 1.59 26.13
CA VAL B 106 34.08 1.47 25.91
C VAL B 106 33.59 2.74 25.21
N ILE B 107 33.00 2.58 24.03
CA ILE B 107 32.50 3.73 23.22
C ILE B 107 31.00 3.48 23.03
N LEU B 108 30.17 4.42 23.42
CA LEU B 108 28.72 4.18 23.50
C LEU B 108 27.95 5.18 22.65
N ASP B 109 26.78 4.73 22.20
CA ASP B 109 25.74 5.55 21.53
C ASP B 109 24.45 5.35 22.34
N ILE B 110 23.54 6.31 22.27
CA ILE B 110 22.18 6.17 22.85
C ILE B 110 21.25 6.89 21.89
N VAL B 111 20.21 6.20 21.43
CA VAL B 111 19.32 6.76 20.38
C VAL B 111 18.04 5.95 20.38
N GLY B 112 16.94 6.55 19.97
CA GLY B 112 15.67 5.82 19.82
C GLY B 112 15.12 5.91 18.42
N THR B 113 14.22 5.00 18.08
CA THR B 113 13.52 4.96 16.76
C THR B 113 12.61 6.18 16.57
N GLY B 114 12.20 6.82 17.65
CA GLY B 114 11.03 7.72 17.63
C GLY B 114 9.78 6.93 17.23
N GLY B 115 8.72 7.64 16.86
CA GLY B 115 7.45 7.00 16.45
C GLY B 115 6.58 6.62 17.64
N ASP B 116 6.88 7.08 18.85
CA ASP B 116 6.03 6.80 20.01
C ASP B 116 4.99 7.92 20.22
N GLY B 117 5.14 9.05 19.51
CA GLY B 117 4.26 10.24 19.58
C GLY B 117 4.12 10.85 20.96
N GLN B 118 5.21 11.04 21.72
CA GLN B 118 5.11 11.40 23.17
C GLN B 118 5.61 12.82 23.54
N ASN B 119 6.34 13.46 22.65
CA ASN B 119 6.88 14.84 22.82
C ASN B 119 7.66 14.96 24.13
N THR B 120 8.64 14.10 24.32
CA THR B 120 9.47 14.10 25.54
C THR B 120 10.85 14.68 25.24
N PHE B 121 11.50 15.10 26.32
CA PHE B 121 12.76 15.83 26.34
C PHE B 121 13.84 14.99 25.67
N ASN B 122 14.78 15.66 25.02
CA ASN B 122 15.94 15.00 24.38
C ASN B 122 16.90 14.45 25.46
N VAL B 123 16.50 13.33 26.04
CA VAL B 123 17.24 12.65 27.12
C VAL B 123 18.44 11.90 26.49
N ALA B 124 18.33 11.51 25.21
CA ALA B 124 19.38 10.76 24.48
C ALA B 124 20.64 11.61 24.38
N THR B 125 20.54 12.78 23.78
CA THR B 125 21.69 13.70 23.68
C THR B 125 22.13 14.15 25.07
N SER B 126 21.20 14.47 25.99
CA SER B 126 21.57 14.94 27.35
C SER B 126 22.38 13.87 28.08
N ALA B 127 21.86 12.63 28.14
CA ALA B 127 22.50 11.54 28.89
C ALA B 127 23.83 11.16 28.21
N ALA B 128 23.91 11.32 26.88
CA ALA B 128 25.16 11.04 26.14
C ALA B 128 26.22 12.01 26.66
N ILE B 129 25.88 13.29 26.79
CA ILE B 129 26.85 14.30 27.29
C ILE B 129 27.25 13.97 28.73
N VAL B 130 26.27 13.68 29.57
CA VAL B 130 26.59 13.36 31.00
C VAL B 130 27.48 12.13 31.10
N ALA B 131 27.19 11.09 30.33
CA ALA B 131 27.96 9.82 30.40
C ALA B 131 29.40 10.10 29.95
N SER B 132 29.58 11.05 29.02
CA SER B 132 30.91 11.39 28.42
C SER B 132 31.82 12.03 29.48
N GLY B 133 31.26 12.55 30.57
CA GLY B 133 32.06 13.10 31.68
C GLY B 133 32.55 12.02 32.64
N ILE B 134 32.06 10.79 32.48
CA ILE B 134 32.44 9.68 33.42
C ILE B 134 33.75 9.05 32.94
N GLN B 135 34.72 9.00 33.84
CA GLN B 135 36.10 8.48 33.55
C GLN B 135 36.01 7.10 32.90
N GLY B 136 36.62 6.94 31.74
CA GLY B 136 36.69 5.63 31.09
C GLY B 136 35.58 5.43 30.08
N LEU B 137 34.67 6.41 29.95
CA LEU B 137 33.58 6.32 28.96
C LEU B 137 33.90 7.27 27.80
N LYS B 138 33.64 6.85 26.58
CA LYS B 138 33.76 7.73 25.40
C LYS B 138 32.43 7.62 24.67
N ILE B 139 31.85 8.75 24.28
CA ILE B 139 30.50 8.76 23.69
C ILE B 139 30.60 9.28 22.27
N CYS B 140 30.05 8.52 21.33
CA CYS B 140 29.91 8.94 19.91
C CYS B 140 28.43 8.89 19.56
N LYS B 141 27.68 9.94 19.95
CA LYS B 141 26.20 9.96 19.81
C LYS B 141 25.86 10.30 18.37
N HIS B 142 24.95 9.55 17.76
CA HIS B 142 24.52 9.75 16.37
C HIS B 142 23.01 9.95 16.37
N GLY B 143 22.51 10.96 15.66
CA GLY B 143 21.05 11.16 15.53
C GLY B 143 20.71 12.55 15.03
N GLY B 144 19.51 13.04 15.34
CA GLY B 144 19.11 14.44 15.06
C GLY B 144 18.36 14.59 13.75
N LYS B 145 17.65 15.73 13.58
CA LYS B 145 16.82 16.06 12.39
C LYS B 145 17.24 17.41 11.78
N ASP B 155 18.23 19.36 16.69
CA ASP B 155 19.38 20.28 16.45
C ASP B 155 19.85 20.86 17.78
N LEU B 156 19.74 20.10 18.88
CA LEU B 156 20.06 20.59 20.25
C LEU B 156 21.48 21.16 20.28
N ILE B 157 22.51 20.38 19.96
CA ILE B 157 23.93 20.85 20.02
C ILE B 157 24.11 22.01 19.02
N GLY B 158 23.45 21.90 17.85
CA GLY B 158 23.43 22.95 16.81
C GLY B 158 23.20 24.33 17.39
N THR B 159 22.35 24.45 18.42
CA THR B 159 21.90 25.76 18.96
C THR B 159 22.86 26.29 20.02
N LEU B 160 23.95 25.58 20.33
CA LEU B 160 24.93 26.01 21.37
C LEU B 160 26.19 26.60 20.70
N GLY B 161 26.04 27.26 19.56
CA GLY B 161 27.14 27.96 18.86
C GLY B 161 28.13 26.98 18.27
N CYS B 162 27.60 25.91 17.69
CA CYS B 162 28.35 24.77 17.10
C CYS B 162 27.84 24.57 15.68
N ASP B 163 28.70 24.69 14.66
CA ASP B 163 28.30 24.45 13.26
C ASP B 163 28.35 22.94 13.00
N MET B 164 27.21 22.26 13.09
CA MET B 164 27.19 20.77 13.08
C MET B 164 27.51 20.27 11.66
N PHE B 165 27.38 21.10 10.62
CA PHE B 165 27.73 20.67 9.25
C PHE B 165 29.25 20.42 9.19
N LYS B 166 30.05 20.97 10.11
CA LYS B 166 31.52 20.82 10.07
C LYS B 166 31.93 19.43 10.52
N VAL B 167 31.03 18.67 11.17
CA VAL B 167 31.30 17.29 11.66
C VAL B 167 30.84 16.29 10.59
N ASN B 168 31.80 15.74 9.88
CA ASN B 168 31.53 14.96 8.66
C ASN B 168 32.61 13.88 8.56
N SER B 169 32.54 13.10 7.50
CA SER B 169 33.45 11.94 7.32
C SER B 169 34.91 12.35 7.40
N SER B 170 35.29 13.51 6.89
CA SER B 170 36.71 13.96 6.88
C SER B 170 37.13 14.48 8.26
N THR B 171 36.24 15.10 9.03
CA THR B 171 36.65 15.77 10.31
C THR B 171 36.46 14.86 11.56
N VAL B 172 35.58 13.86 11.53
CA VAL B 172 35.41 12.93 12.69
C VAL B 172 36.76 12.31 13.10
N PRO B 173 37.60 11.79 12.16
CA PRO B 173 38.86 11.17 12.59
C PRO B 173 39.81 12.13 13.36
N LYS B 174 39.83 13.38 12.96
CA LYS B 174 40.60 14.47 13.59
C LYS B 174 40.02 14.78 14.98
N LEU B 175 38.69 14.83 15.11
CA LEU B 175 37.99 15.12 16.41
C LEU B 175 38.19 13.95 17.38
N TRP B 176 38.30 12.74 16.87
CA TRP B 176 38.15 11.50 17.65
C TRP B 176 39.08 11.43 18.85
N PRO B 177 40.42 11.58 18.69
CA PRO B 177 41.36 11.23 19.75
C PRO B 177 41.20 12.03 21.05
N ASP B 178 40.91 13.33 20.98
CA ASP B 178 40.93 14.25 22.16
C ASP B 178 39.49 14.59 22.60
N ASN B 179 38.47 13.86 22.15
CA ASN B 179 37.07 14.18 22.53
C ASN B 179 36.49 12.98 23.29
N THR B 180 36.02 13.21 24.52
CA THR B 180 35.27 12.21 25.30
C THR B 180 33.84 12.21 24.76
N PHE B 181 33.38 13.33 24.21
CA PHE B 181 32.03 13.45 23.62
C PHE B 181 32.11 13.87 22.16
N MET B 182 31.34 13.20 21.30
CA MET B 182 31.13 13.63 19.91
C MET B 182 29.65 13.47 19.53
N PHE B 183 29.17 14.34 18.66
CA PHE B 183 27.80 14.27 18.09
C PHE B 183 27.91 14.26 16.57
N LEU B 184 27.30 13.27 15.94
CA LEU B 184 27.20 13.15 14.46
C LEU B 184 25.74 13.41 14.06
N LEU B 185 25.48 14.43 13.25
CA LEU B 185 24.10 14.77 12.81
C LEU B 185 23.75 13.94 11.55
N ALA B 186 22.90 12.95 11.75
CA ALA B 186 22.50 11.93 10.76
C ALA B 186 22.27 12.51 9.37
N PRO B 187 21.48 13.58 9.18
CA PRO B 187 21.23 14.12 7.84
C PRO B 187 22.47 14.46 7.00
N PHE B 188 23.60 14.77 7.64
CA PHE B 188 24.88 15.06 6.96
C PHE B 188 25.61 13.78 6.51
N PHE B 189 25.20 12.60 6.96
CA PHE B 189 25.86 11.33 6.55
C PHE B 189 24.92 10.54 5.64
N HIS B 190 23.62 10.52 5.94
CA HIS B 190 22.70 9.54 5.30
C HIS B 190 21.92 10.18 4.18
N HIS B 191 22.57 10.42 3.03
CA HIS B 191 21.95 11.12 1.86
C HIS B 191 20.75 10.30 1.36
N GLY B 192 20.77 8.98 1.50
CA GLY B 192 19.64 8.12 1.11
C GLY B 192 18.37 8.46 1.90
N MET B 193 18.51 8.74 3.19
CA MET B 193 17.37 9.06 4.08
C MET B 193 16.77 10.40 3.62
N GLY B 194 17.60 11.30 3.07
CA GLY B 194 17.14 12.58 2.47
C GLY B 194 16.21 12.37 1.27
N HIS B 195 16.50 11.38 0.41
CA HIS B 195 15.69 11.13 -0.82
C HIS B 195 14.26 10.70 -0.47
N VAL B 196 14.05 10.02 0.66
CA VAL B 196 12.71 9.45 1.01
C VAL B 196 11.97 10.40 1.96
N SER B 197 12.55 11.54 2.33
CA SER B 197 11.98 12.38 3.41
C SER B 197 10.58 12.88 3.00
N LYS B 198 10.42 13.36 1.77
CA LYS B 198 9.14 13.89 1.29
C LYS B 198 8.08 12.77 1.21
N ILE B 199 8.40 11.62 0.64
CA ILE B 199 7.35 10.58 0.48
C ILE B 199 6.95 10.05 1.86
N ARG B 200 7.88 9.94 2.81
CA ARG B 200 7.52 9.53 4.19
C ARG B 200 6.48 10.49 4.80
N LYS B 201 6.63 11.78 4.62
CA LYS B 201 5.72 12.82 5.13
C LYS B 201 4.36 12.68 4.44
N PHE B 202 4.36 12.51 3.14
CA PHE B 202 3.11 12.34 2.38
C PHE B 202 2.39 11.06 2.82
N LEU B 203 3.13 9.97 3.04
CA LEU B 203 2.52 8.67 3.40
C LEU B 203 1.73 8.77 4.70
N GLY B 204 2.32 9.38 5.73
CA GLY B 204 1.70 9.60 7.05
C GLY B 204 1.62 8.32 7.89
N ILE B 205 1.95 7.18 7.31
CA ILE B 205 1.95 5.86 8.02
C ILE B 205 3.40 5.52 8.35
N PRO B 206 3.64 4.68 9.36
CA PRO B 206 5.01 4.21 9.58
C PRO B 206 5.44 3.27 8.44
N THR B 207 6.74 3.24 8.16
CA THR B 207 7.32 2.29 7.21
C THR B 207 8.61 1.77 7.80
N VAL B 208 9.28 0.91 7.05
CA VAL B 208 10.63 0.40 7.42
C VAL B 208 11.57 1.57 7.77
N PHE B 209 11.45 2.73 7.10
CA PHE B 209 12.37 3.88 7.31
C PHE B 209 12.29 4.37 8.76
N ASN B 210 11.16 4.20 9.44
CA ASN B 210 11.00 4.71 10.83
C ASN B 210 11.94 4.01 11.79
N VAL B 211 12.44 2.81 11.48
CA VAL B 211 13.26 2.07 12.46
C VAL B 211 14.75 2.02 12.06
N LEU B 212 15.19 2.74 11.01
CA LEU B 212 16.55 2.52 10.46
C LEU B 212 17.57 3.44 11.14
N GLY B 213 17.14 4.60 11.64
CA GLY B 213 18.01 5.64 12.20
C GLY B 213 19.06 5.07 13.13
N PRO B 214 18.67 4.32 14.19
CA PRO B 214 19.63 3.83 15.16
C PRO B 214 20.66 2.86 14.57
N LEU B 215 20.30 2.23 13.44
CA LEU B 215 21.11 1.16 12.81
C LEU B 215 22.07 1.75 11.78
N LEU B 216 22.12 3.09 11.64
CA LEU B 216 22.92 3.73 10.57
C LEU B 216 24.17 4.41 11.13
N HIS B 217 24.65 4.07 12.33
CA HIS B 217 25.84 4.77 12.91
C HIS B 217 27.00 4.63 11.94
N PRO B 218 27.60 5.75 11.47
CA PRO B 218 28.71 5.67 10.52
C PRO B 218 30.09 5.39 11.13
N VAL B 219 30.19 5.25 12.44
CA VAL B 219 31.48 4.90 13.12
C VAL B 219 31.43 3.46 13.63
N SER B 220 32.23 2.55 13.08
CA SER B 220 32.12 1.10 13.42
C SER B 220 32.73 0.81 14.82
N HIS B 221 33.50 1.74 15.37
CA HIS B 221 34.24 1.56 16.66
C HIS B 221 33.29 1.56 17.88
N VAL B 222 32.08 2.09 17.73
CA VAL B 222 31.08 2.06 18.82
C VAL B 222 30.86 0.60 19.19
N ASN B 223 30.95 0.24 20.47
CA ASN B 223 30.87 -1.20 20.84
C ASN B 223 29.77 -1.46 21.89
N LYS B 224 29.03 -0.44 22.35
CA LYS B 224 27.86 -0.64 23.23
C LYS B 224 26.85 0.46 22.96
N ARG B 225 25.56 0.13 23.05
CA ARG B 225 24.53 1.15 22.76
C ARG B 225 23.23 0.82 23.46
N ILE B 226 22.49 1.88 23.74
CA ILE B 226 21.05 1.79 24.10
C ILE B 226 20.26 2.20 22.86
N LEU B 227 19.33 1.35 22.44
CA LEU B 227 18.48 1.65 21.30
C LEU B 227 17.04 1.57 21.76
N GLY B 228 16.42 2.73 21.85
CA GLY B 228 15.00 2.85 22.20
C GLY B 228 14.14 2.44 21.04
N VAL B 229 13.01 1.78 21.32
CA VAL B 229 12.02 1.42 20.29
C VAL B 229 10.61 1.80 20.74
N TYR B 230 9.74 2.13 19.79
CA TYR B 230 8.39 2.67 20.09
C TYR B 230 7.44 1.53 20.48
N SER B 231 7.76 0.27 20.12
CA SER B 231 6.80 -0.87 20.15
C SER B 231 7.35 -2.05 20.92
N LYS B 232 6.54 -2.59 21.83
CA LYS B 232 6.88 -3.85 22.56
C LYS B 232 6.95 -4.98 21.54
N GLU B 233 6.00 -5.02 20.60
CA GLU B 233 5.93 -6.07 19.54
C GLU B 233 7.23 -6.08 18.73
N LEU B 234 7.70 -4.91 18.33
CA LEU B 234 8.93 -4.74 17.51
C LEU B 234 10.20 -5.12 18.28
N ALA B 235 10.27 -4.85 19.60
CA ALA B 235 11.55 -4.84 20.36
C ALA B 235 12.38 -6.11 20.15
N PRO B 236 11.86 -7.33 20.32
CA PRO B 236 12.74 -8.50 20.21
C PRO B 236 13.33 -8.70 18.81
N GLU B 237 12.53 -8.44 17.76
CA GLU B 237 13.04 -8.50 16.37
C GLU B 237 14.05 -7.37 16.18
N TYR B 238 13.84 -6.23 16.82
CA TYR B 238 14.80 -5.10 16.77
C TYR B 238 16.13 -5.46 17.46
N ALA B 239 16.09 -6.15 18.61
CA ALA B 239 17.33 -6.65 19.27
C ALA B 239 18.10 -7.51 18.27
N LYS B 240 17.40 -8.42 17.63
CA LYS B 240 18.04 -9.37 16.68
C LYS B 240 18.61 -8.56 15.52
N ALA B 241 17.90 -7.54 15.02
CA ALA B 241 18.40 -6.68 13.93
C ALA B 241 19.70 -5.99 14.36
N ALA B 242 19.71 -5.40 15.54
CA ALA B 242 20.87 -4.71 16.14
C ALA B 242 22.07 -5.66 16.18
N ALA B 243 21.88 -6.90 16.62
CA ALA B 243 22.93 -7.95 16.63
C ALA B 243 23.46 -8.20 15.21
N LEU B 244 22.62 -8.13 14.19
CA LEU B 244 23.05 -8.36 12.78
C LEU B 244 23.81 -7.15 12.26
N VAL B 245 23.30 -5.95 12.52
CA VAL B 245 23.90 -4.69 11.98
C VAL B 245 25.17 -4.33 12.77
N TYR B 246 25.19 -4.65 14.06
CA TYR B 246 26.27 -4.27 15.00
C TYR B 246 26.78 -5.53 15.70
N PRO B 247 27.38 -6.48 14.96
CA PRO B 247 27.75 -7.78 15.55
C PRO B 247 28.77 -7.65 16.71
N GLY B 248 29.59 -6.60 16.74
CA GLY B 248 30.52 -6.39 17.88
C GLY B 248 29.84 -6.02 19.19
N SER B 249 28.62 -5.47 19.13
CA SER B 249 28.11 -4.53 20.16
C SER B 249 27.36 -5.24 21.27
N GLU B 250 27.55 -4.82 22.52
CA GLU B 250 26.62 -5.17 23.62
C GLU B 250 25.51 -4.12 23.59
N THR B 251 24.26 -4.54 23.50
CA THR B 251 23.15 -3.62 23.23
C THR B 251 22.04 -3.82 24.24
N PHE B 252 21.49 -2.71 24.73
CA PHE B 252 20.17 -2.65 25.40
C PHE B 252 19.14 -2.10 24.41
N ILE B 253 18.08 -2.85 24.09
CA ILE B 253 16.84 -2.30 23.48
C ILE B 253 15.89 -1.90 24.62
N VAL B 254 15.33 -0.70 24.59
CA VAL B 254 14.44 -0.26 25.72
C VAL B 254 13.07 0.17 25.18
N TRP B 255 12.02 -0.20 25.90
CA TRP B 255 10.63 0.22 25.62
C TRP B 255 9.95 0.54 26.94
N GLY B 256 9.59 1.80 27.12
CA GLY B 256 8.73 2.24 28.24
C GLY B 256 7.30 1.75 28.09
N HIS B 257 6.74 1.12 29.13
CA HIS B 257 5.39 0.50 29.09
C HIS B 257 4.31 1.55 28.80
N VAL B 258 4.54 2.82 29.11
CA VAL B 258 3.56 3.90 28.74
C VAL B 258 3.57 4.09 27.21
N GLY B 259 4.50 3.46 26.51
CA GLY B 259 4.65 3.65 25.05
C GLY B 259 5.68 4.74 24.80
N LEU B 260 6.95 4.37 24.90
CA LEU B 260 8.06 5.34 24.95
C LEU B 260 9.36 4.64 24.50
N ASP B 261 10.10 5.25 23.59
CA ASP B 261 11.37 4.70 23.05
C ASP B 261 12.52 5.13 23.95
N GLU B 262 12.34 5.04 25.27
CA GLU B 262 13.30 5.54 26.28
C GLU B 262 13.15 4.73 27.56
N VAL B 263 14.12 4.86 28.46
CA VAL B 263 13.89 4.48 29.87
C VAL B 263 12.93 5.52 30.48
N SER B 264 11.70 5.10 30.75
CA SER B 264 10.57 5.99 31.09
C SER B 264 10.72 6.58 32.48
N PRO B 265 10.39 7.87 32.69
CA PRO B 265 10.40 8.46 34.04
C PRO B 265 9.16 8.08 34.86
N ILE B 266 8.19 7.45 34.20
CA ILE B 266 6.91 6.98 34.79
C ILE B 266 6.71 5.52 34.40
N GLY B 267 6.33 4.70 35.39
CA GLY B 267 6.12 3.25 35.26
C GLY B 267 7.35 2.50 34.83
N LYS B 268 7.12 1.33 34.23
CA LYS B 268 8.17 0.33 34.01
C LYS B 268 8.74 0.50 32.61
N THR B 269 9.97 0.03 32.43
CA THR B 269 10.62 -0.10 31.12
C THR B 269 11.14 -1.53 30.99
N THR B 270 10.90 -2.15 29.85
CA THR B 270 11.47 -3.48 29.55
C THR B 270 12.79 -3.26 28.83
N VAL B 271 13.80 -4.06 29.17
CA VAL B 271 15.12 -4.04 28.49
C VAL B 271 15.35 -5.39 27.83
N TRP B 272 15.63 -5.39 26.53
CA TRP B 272 16.14 -6.59 25.83
C TRP B 272 17.65 -6.43 25.69
N HIS B 273 18.41 -7.40 26.17
CA HIS B 273 19.88 -7.29 26.34
C HIS B 273 20.55 -8.30 25.40
N ILE B 274 21.37 -7.82 24.48
CA ILE B 274 22.20 -8.67 23.57
C ILE B 274 23.64 -8.55 24.05
N ASP B 275 24.30 -9.67 24.34
CA ASP B 275 25.70 -9.66 24.86
C ASP B 275 26.54 -10.66 24.09
N PRO B 276 27.41 -10.22 23.15
CA PRO B 276 28.21 -11.15 22.33
C PRO B 276 29.59 -11.48 22.92
N LYS B 282 21.97 -15.16 23.07
CA LYS B 282 20.78 -15.19 23.95
C LYS B 282 20.13 -13.79 24.07
N LEU B 283 18.82 -13.73 23.87
CA LEU B 283 18.03 -12.51 24.11
C LEU B 283 17.62 -12.52 25.59
N LYS B 284 18.27 -11.72 26.42
CA LYS B 284 17.93 -11.65 27.86
C LYS B 284 16.98 -10.46 28.05
N THR B 285 16.19 -10.49 29.10
CA THR B 285 15.22 -9.41 29.36
C THR B 285 15.19 -9.12 30.84
N PHE B 286 15.05 -7.84 31.16
CA PHE B 286 14.80 -7.42 32.57
C PHE B 286 13.92 -6.19 32.56
N GLN B 287 13.70 -5.60 33.71
CA GLN B 287 12.71 -4.51 33.84
C GLN B 287 13.27 -3.41 34.73
N LEU B 288 13.00 -2.14 34.38
CA LEU B 288 13.44 -0.97 35.16
C LEU B 288 12.22 -0.17 35.61
N GLU B 289 12.37 0.46 36.76
CA GLU B 289 11.45 1.51 37.20
C GLU B 289 12.24 2.50 38.03
N PRO B 290 11.77 3.76 38.10
CA PRO B 290 12.55 4.85 38.70
C PRO B 290 12.95 4.57 40.15
N SER B 291 12.14 3.81 40.91
CA SER B 291 12.43 3.50 42.33
C SER B 291 13.77 2.74 42.40
N MET B 292 14.13 2.00 41.35
CA MET B 292 15.38 1.20 41.34
C MET B 292 16.60 2.14 41.33
N PHE B 293 16.42 3.40 40.96
CA PHE B 293 17.49 4.43 40.89
C PHE B 293 17.43 5.38 42.08
N GLY B 294 16.49 5.16 43.00
CA GLY B 294 16.23 6.06 44.12
C GLY B 294 15.58 7.35 43.65
N LEU B 295 14.82 7.31 42.53
CA LEU B 295 14.11 8.49 42.00
C LEU B 295 12.60 8.34 42.17
N GLU B 296 11.91 9.45 42.37
CA GLU B 296 10.44 9.53 42.22
C GLU B 296 10.07 9.38 40.75
N GLU B 297 8.83 8.97 40.48
CA GLU B 297 8.21 8.95 39.13
C GLU B 297 7.81 10.36 38.72
N HIS B 298 7.89 10.65 37.43
CA HIS B 298 7.45 11.91 36.82
C HIS B 298 6.65 11.60 35.57
N GLU B 299 5.41 12.10 35.51
CA GLU B 299 4.53 12.00 34.33
C GLU B 299 5.28 12.52 33.12
N LEU B 300 4.90 12.06 31.93
CA LEU B 300 5.51 12.53 30.66
C LEU B 300 5.27 14.02 30.46
N SER B 301 4.16 14.56 30.96
CA SER B 301 3.88 16.01 30.88
C SER B 301 5.00 16.79 31.56
N LYS B 302 5.68 16.24 32.56
CA LYS B 302 6.74 16.94 33.34
C LYS B 302 8.11 16.84 32.68
N CYS B 303 8.25 15.93 31.71
CA CYS B 303 9.51 15.65 30.96
C CYS B 303 9.32 15.94 29.48
N ALA B 304 8.53 16.98 29.17
CA ALA B 304 8.16 17.38 27.80
C ALA B 304 9.40 17.93 27.09
N SER B 305 9.40 17.86 25.76
CA SER B 305 10.27 18.64 24.86
C SER B 305 9.69 20.04 24.64
N TYR B 306 10.60 20.99 24.50
CA TYR B 306 10.36 22.42 24.21
C TYR B 306 10.94 22.76 22.84
N GLY B 307 11.41 21.73 22.12
CA GLY B 307 12.13 21.95 20.86
C GLY B 307 13.61 22.20 21.14
N PRO B 308 14.47 22.06 20.10
CA PRO B 308 15.92 22.08 20.30
C PRO B 308 16.51 23.30 21.02
N LYS B 309 16.03 24.51 20.75
CA LYS B 309 16.67 25.72 21.33
C LYS B 309 16.48 25.72 22.86
N GLU B 310 15.25 25.58 23.33
CA GLU B 310 14.95 25.59 24.79
C GLU B 310 15.47 24.30 25.45
N ASN B 311 15.43 23.17 24.75
CA ASN B 311 15.96 21.90 25.32
C ASN B 311 17.43 22.14 25.60
N ALA B 312 18.14 22.80 24.68
CA ALA B 312 19.59 23.04 24.83
C ALA B 312 19.85 23.96 26.02
N ARG B 313 19.04 25.00 26.14
CA ARG B 313 19.21 26.00 27.22
C ARG B 313 18.96 25.31 28.57
N ILE B 314 17.91 24.51 28.66
CA ILE B 314 17.63 23.76 29.95
C ILE B 314 18.84 22.89 30.26
N LEU B 315 19.31 22.13 29.27
CA LEU B 315 20.44 21.22 29.49
C LEU B 315 21.66 22.03 29.96
N LYS B 316 21.99 23.10 29.26
CA LYS B 316 23.20 23.88 29.59
C LYS B 316 23.03 24.64 30.92
N GLU B 317 21.91 25.33 31.11
CA GLU B 317 21.76 26.32 32.23
C GLU B 317 21.18 25.66 33.48
N GLU B 318 20.34 24.64 33.35
CA GLU B 318 19.75 23.99 34.54
C GLU B 318 20.48 22.69 34.92
N VAL B 319 20.98 21.92 33.96
CA VAL B 319 21.46 20.54 34.27
C VAL B 319 23.00 20.57 34.37
N LEU B 320 23.71 20.89 33.27
CA LEU B 320 25.19 20.78 33.19
C LEU B 320 25.85 21.82 34.13
N SER B 321 25.10 22.85 34.51
CA SER B 321 25.54 23.94 35.43
C SER B 321 25.58 23.44 36.88
N GLY B 322 24.93 22.31 37.20
CA GLY B 322 24.88 21.84 38.60
C GLY B 322 23.83 22.55 39.46
N LYS B 323 22.88 23.26 38.86
CA LYS B 323 21.81 23.96 39.61
C LYS B 323 20.96 22.94 40.37
N TYR B 324 20.69 21.78 39.77
CA TYR B 324 19.89 20.72 40.42
C TYR B 324 20.78 19.55 40.85
N HIS B 325 20.28 18.85 41.88
CA HIS B 325 20.94 17.67 42.49
C HIS B 325 19.96 16.51 42.56
N LEU B 326 20.51 15.30 42.70
CA LEU B 326 19.71 14.14 43.18
C LEU B 326 19.00 14.56 44.48
N GLY B 327 17.72 14.31 44.59
CA GLY B 327 16.91 14.64 45.77
C GLY B 327 16.10 15.92 45.59
N ASP B 328 16.41 16.74 44.56
CA ASP B 328 15.62 17.94 44.17
C ASP B 328 14.29 17.51 43.52
N ASN B 329 14.19 16.26 43.05
CA ASN B 329 12.99 15.75 42.33
C ASN B 329 12.67 16.65 41.13
N ASN B 330 13.69 17.27 40.51
CA ASN B 330 13.50 18.01 39.25
C ASN B 330 13.28 16.99 38.15
N PRO B 331 12.13 16.99 37.43
CA PRO B 331 11.81 15.91 36.50
C PRO B 331 12.84 15.69 35.39
N ILE B 332 13.21 16.76 34.70
CA ILE B 332 14.19 16.66 33.58
C ILE B 332 15.54 16.21 34.14
N TYR B 333 15.98 16.81 35.24
CA TYR B 333 17.28 16.43 35.82
C TYR B 333 17.24 14.93 36.15
N ASP B 334 16.17 14.49 36.79
CA ASP B 334 16.02 13.07 37.20
C ASP B 334 15.98 12.17 35.95
N TYR B 335 15.28 12.59 34.91
CA TYR B 335 15.12 11.80 33.66
C TYR B 335 16.49 11.56 33.02
N ILE B 336 17.26 12.63 32.92
CA ILE B 336 18.66 12.60 32.42
C ILE B 336 19.52 11.73 33.34
N LEU B 337 19.44 11.88 34.65
CA LEU B 337 20.32 11.13 35.57
C LEU B 337 20.04 9.64 35.37
N MET B 338 18.76 9.27 35.26
CA MET B 338 18.36 7.84 35.19
C MET B 338 18.93 7.23 33.90
N ASN B 339 18.76 7.92 32.78
CA ASN B 339 19.19 7.36 31.48
C ASN B 339 20.73 7.29 31.46
N THR B 340 21.39 8.27 32.07
CA THR B 340 22.88 8.27 32.24
C THR B 340 23.30 7.04 33.07
N ALA B 341 22.57 6.75 34.16
CA ALA B 341 22.86 5.59 35.04
C ALA B 341 22.79 4.28 34.24
N VAL B 342 21.78 4.13 33.39
CA VAL B 342 21.62 2.92 32.53
C VAL B 342 22.81 2.80 31.58
N LEU B 343 23.24 3.90 30.95
CA LEU B 343 24.44 3.91 30.08
C LEU B 343 25.66 3.47 30.86
N TYR B 344 25.82 3.99 32.07
CA TYR B 344 26.98 3.62 32.90
C TYR B 344 26.98 2.11 33.20
N CYS B 345 25.85 1.57 33.63
CA CYS B 345 25.75 0.15 34.03
C CYS B 345 26.00 -0.72 32.79
N LEU B 346 25.43 -0.33 31.65
CA LEU B 346 25.72 -0.98 30.33
C LEU B 346 27.23 -0.99 30.10
N SER B 347 27.90 0.15 30.28
CA SER B 347 29.36 0.29 30.01
C SER B 347 30.19 -0.65 30.90
N GLN B 348 29.75 -0.90 32.14
CA GLN B 348 30.55 -1.62 33.16
C GLN B 348 30.19 -3.11 33.24
N GLY B 349 29.10 -3.56 32.62
CA GLY B 349 28.67 -4.96 32.66
C GLY B 349 27.95 -5.35 33.94
N HIS B 350 27.26 -4.43 34.62
CA HIS B 350 26.49 -4.77 35.84
C HIS B 350 25.15 -4.04 35.81
N GLN B 351 24.35 -4.22 36.87
CA GLN B 351 22.99 -3.66 37.05
C GLN B 351 22.98 -2.92 38.40
N ASN B 352 24.12 -2.32 38.76
CA ASN B 352 24.17 -1.47 39.98
C ASN B 352 23.62 -0.08 39.64
N TRP B 353 22.29 0.04 39.51
CA TRP B 353 21.61 1.27 39.00
C TRP B 353 21.94 2.46 39.92
N LYS B 354 21.97 2.25 41.23
CA LYS B 354 22.28 3.35 42.19
C LYS B 354 23.76 3.80 42.07
N GLU B 355 24.69 2.91 41.73
CA GLU B 355 26.10 3.32 41.46
C GLU B 355 26.12 4.12 40.16
N GLY B 356 25.32 3.73 39.16
CA GLY B 356 25.19 4.53 37.92
C GLY B 356 24.73 5.96 38.24
N ILE B 357 23.78 6.09 39.15
CA ILE B 357 23.25 7.41 39.60
C ILE B 357 24.38 8.22 40.24
N ILE B 358 25.14 7.58 41.14
CA ILE B 358 26.32 8.22 41.77
C ILE B 358 27.27 8.77 40.71
N LYS B 359 27.63 7.95 39.72
CA LYS B 359 28.62 8.36 38.70
C LYS B 359 28.05 9.47 37.84
N ALA B 360 26.75 9.39 37.52
CA ALA B 360 26.03 10.45 36.75
C ALA B 360 26.08 11.77 37.53
N GLU B 361 25.73 11.71 38.82
CA GLU B 361 25.66 12.92 39.70
C GLU B 361 27.07 13.53 39.79
N GLU B 362 28.08 12.68 39.87
CA GLU B 362 29.49 13.12 39.95
C GLU B 362 29.89 13.79 38.64
N SER B 363 29.57 13.18 37.50
CA SER B 363 29.88 13.77 36.16
C SER B 363 29.34 15.21 36.08
N ILE B 364 28.08 15.43 36.48
CA ILE B 364 27.50 16.79 36.56
C ILE B 364 28.27 17.66 37.55
N HIS B 365 28.32 17.26 38.81
CA HIS B 365 28.69 18.20 39.90
C HIS B 365 30.21 18.39 39.98
N SER B 366 31.02 17.49 39.40
CA SER B 366 32.48 17.71 39.25
C SER B 366 32.75 18.81 38.20
N GLY B 367 31.79 19.08 37.31
CA GLY B 367 31.99 19.94 36.11
C GLY B 367 32.47 19.10 34.90
N ASN B 368 32.67 17.80 35.06
CA ASN B 368 33.28 16.92 34.02
C ASN B 368 32.37 16.85 32.78
N ALA B 369 31.04 16.76 32.97
CA ALA B 369 30.05 16.70 31.86
C ALA B 369 30.17 17.97 31.01
N LEU B 370 30.08 19.12 31.66
CA LEU B 370 30.11 20.42 30.95
C LEU B 370 31.44 20.58 30.22
N ARG B 371 32.57 20.22 30.86
CA ARG B 371 33.91 20.37 30.24
C ARG B 371 33.98 19.45 29.00
N SER B 372 33.32 18.29 29.04
CA SER B 372 33.33 17.31 27.92
C SER B 372 32.59 17.91 26.73
N LEU B 373 31.43 18.51 26.97
CA LEU B 373 30.66 19.18 25.90
C LEU B 373 31.45 20.38 25.36
N GLU B 374 32.04 21.18 26.23
CA GLU B 374 32.76 22.42 25.84
C GLU B 374 33.96 22.05 24.98
N HIS B 375 34.69 21.01 25.35
CA HIS B 375 35.82 20.46 24.57
C HIS B 375 35.35 20.10 23.15
N PHE B 376 34.20 19.44 23.01
CA PHE B 376 33.64 19.10 21.67
C PHE B 376 33.27 20.38 20.91
N ILE B 377 32.55 21.31 21.54
CA ILE B 377 32.08 22.54 20.86
C ILE B 377 33.32 23.33 20.40
N ASP B 378 34.33 23.42 21.25
CA ASP B 378 35.60 24.13 20.92
C ASP B 378 36.24 23.45 19.71
N SER B 379 36.47 22.14 19.81
CA SER B 379 37.09 21.27 18.76
C SER B 379 36.39 21.52 17.42
N VAL B 380 35.05 21.61 17.38
CA VAL B 380 34.28 21.81 16.12
C VAL B 380 34.47 23.24 15.61
N SER B 381 34.38 24.24 16.49
CA SER B 381 34.58 25.67 16.14
C SER B 381 35.97 25.89 15.52
N SER B 382 36.99 25.18 16.04
CA SER B 382 38.41 25.27 15.62
C SER B 382 38.64 24.76 14.19
N LEU B 383 37.89 23.73 13.79
CA LEU B 383 38.00 23.07 12.45
C LEU B 383 38.02 24.18 11.39
#